data_7ARL
#
_entry.id   7ARL
#
_cell.length_a   1.00
_cell.length_b   1.00
_cell.length_c   1.00
_cell.angle_alpha   90.00
_cell.angle_beta   90.00
_cell.angle_gamma   90.00
#
_symmetry.space_group_name_H-M   'P 1'
#
loop_
_entity.id
_entity.type
_entity.pdbx_description
1 polymer 'Lipoprotein-releasing ABC transporter permease subunit LolC'
2 polymer 'Lipoprotein-releasing system transmembrane protein LolE'
3 polymer 'Lipoprotein-releasing system ATP-binding protein LolD'
4 polymer LPP
5 non-polymer '(2S)-3-hydroxypropane-1,2-diyl dihexadecanoate'
6 non-polymer "ADENOSINE-5'-DIPHOSPHATE"
7 non-polymer 'MAGNESIUM ION'
8 non-polymer 'PALMITIC ACID'
#
loop_
_entity_poly.entity_id
_entity_poly.type
_entity_poly.pdbx_seq_one_letter_code
_entity_poly.pdbx_strand_id
1 'polypeptide(L)'
;MYQPVALFIGLRYMRGRAADRFGRFVSWLSTIGITLGVMALVTVLSVMNGFERELQNNILGLMPQAILSSEHGSLNPQQL
PETAVKLDGVNRVAPITTGDVVLQSARSVAVGVMLGIDPAQKDPLTPYLVNVKQTDLEPGKYNVILGEQLASQLGVNRGD
QIRVMVPSASQFTPMGRIPSQRLFNVIGTFAANSEVDGYEMLVNIEDASRLMRYPAGNITGWRLWLDEPLKVDSLSQQKL
PEGSKWQDWRDRKGELFQAVRMEKNMMGLLLSLIVAVAAFNIITSLGLMVMEKQGEVAILQTQGLTPRQIMMVFMVQGAS
AGIIGAILGAALGALLASQLNNLMPIIGVLLDGAALPVAIEPLQVIVIALVAMAIALLSTLYPSWRAAATQPAEALRYE
;
C
2 'polypeptide(L)'
;MAMPLSLLIGLRFSRGRRRGGMVSLISVISTIGIALGVAVLIVGLSAMNGFERELNNRILAVVPHGEIEAVDQPWTNWQE
ALDHVQKVPGIAAAAPYINFTGLVESGANLRAIQVKGVNPQQEQRLSALPSFVQGDAWRNFKAGEQQIIIGKGVADALKV
KQGDWVSIMIPNSNPEHKLMQPKRVRLHVAGILQLSGQLDHSFAMIPLADAQQYLDMGSSVSGIALKMTDVFNANKLVRD
AGEVTNSYVYIKSWIGTYGYMYRDIQMIRAIMYLAMVLVIGVACFNIVSTLVMAVKDKSGDIAVLRTLGAKDGLIRAIFV
WYGLLAGLFGSLCGVIIGVVVSLQLTPIIEWIEKLIGHQFLSSDIYFIDFLPSELHWLDVFYVLVTALLLSLLASWYPAR
RASNIDPARVLSGQ
;
E
3 'polypeptide(L)'
;MNKILLQCDNLCKRYQEGSVQTDVLHNVSFSVGEGEMMAIVGSSGSGKSTLLHLLGGLDTPTSGDVIFNGQPMSKLSSAA
KAELRNQKLGFIYQFHHLLPDFTALENVAMPLLIGKKKPAEINSRALEMLKAVGLDHRANHRPSELSGGERQRVAIARAL
VNNPRLVLADEPTGNLDARNADSIFQLLGELNRLQGTAFLVVTHDLQLAKRMSRQLEMRDGRLTAELSLMGAEHHHHHHH
H
;
F,D
4 'polypeptide(L)' CSSNAKIDQL V
#
# COMPACT_ATOMS: atom_id res chain seq x y z
N TYR A 2 -20.87 19.39 -26.58
CA TYR A 2 -20.11 19.28 -25.34
C TYR A 2 -19.18 18.06 -25.38
N GLN A 3 -17.92 18.29 -24.98
CA GLN A 3 -16.84 17.30 -24.89
C GLN A 3 -16.63 16.55 -26.20
N PRO A 4 -16.02 17.15 -27.21
CA PRO A 4 -15.86 16.47 -28.51
C PRO A 4 -14.91 15.28 -28.46
N VAL A 5 -14.03 15.20 -27.48
CA VAL A 5 -13.20 14.01 -27.28
C VAL A 5 -14.06 12.95 -26.64
N ALA A 6 -14.24 11.82 -27.34
CA ALA A 6 -15.09 10.74 -26.85
C ALA A 6 -14.43 9.88 -25.79
N LEU A 7 -13.13 10.08 -25.52
CA LEU A 7 -12.45 9.26 -24.53
C LEU A 7 -12.74 9.74 -23.11
N PHE A 8 -12.88 11.05 -22.92
CA PHE A 8 -13.05 11.62 -21.59
C PHE A 8 -14.50 11.80 -21.17
N ILE A 9 -15.44 11.74 -22.12
CA ILE A 9 -16.84 11.95 -21.76
C ILE A 9 -17.43 10.73 -21.07
N GLY A 10 -16.90 9.53 -21.35
CA GLY A 10 -17.38 8.31 -20.75
C GLY A 10 -16.87 8.02 -19.35
N LEU A 11 -16.18 8.97 -18.72
CA LEU A 11 -15.63 8.76 -17.39
C LEU A 11 -15.81 9.94 -16.45
N ARG A 12 -16.44 11.03 -16.90
CA ARG A 12 -16.66 12.18 -16.02
C ARG A 12 -17.73 11.86 -14.98
N TYR A 13 -18.77 11.13 -15.37
CA TYR A 13 -19.82 10.72 -14.44
C TYR A 13 -19.48 9.41 -13.72
N MET A 14 -18.37 8.77 -14.08
CA MET A 14 -17.95 7.54 -13.41
C MET A 14 -17.11 7.81 -12.18
N ARG A 15 -16.39 8.94 -12.15
CA ARG A 15 -15.62 9.34 -10.97
C ARG A 15 -16.58 9.98 -9.97
N GLY A 16 -17.27 9.11 -9.22
CA GLY A 16 -18.27 9.54 -8.28
C GLY A 16 -19.68 9.36 -8.82
N ARG A 17 -20.35 8.30 -8.40
CA ARG A 17 -21.69 7.98 -8.86
C ARG A 17 -22.73 7.91 -7.75
N ALA A 18 -22.33 7.68 -6.52
CA ALA A 18 -23.26 7.59 -5.40
C ALA A 18 -23.58 8.98 -4.85
N ALA A 19 -24.75 9.11 -4.26
CA ALA A 19 -25.21 10.39 -3.74
C ALA A 19 -24.85 10.62 -2.29
N ASP A 20 -24.66 9.56 -1.51
CA ASP A 20 -24.35 9.70 -0.10
C ASP A 20 -22.86 10.04 0.08
N ARG A 21 -22.51 10.41 1.31
CA ARG A 21 -21.13 10.79 1.61
C ARG A 21 -20.22 9.57 1.71
N PHE A 22 -20.76 8.41 2.10
CA PHE A 22 -19.92 7.22 2.22
C PHE A 22 -19.64 6.59 0.87
N GLY A 23 -20.62 6.61 -0.04
CA GLY A 23 -20.43 5.99 -1.35
C GLY A 23 -19.47 6.75 -2.24
N ARG A 24 -19.35 8.05 -2.03
CA ARG A 24 -18.38 8.84 -2.79
C ARG A 24 -16.96 8.65 -2.28
N PHE A 25 -16.79 8.23 -1.02
CA PHE A 25 -15.47 8.03 -0.46
C PHE A 25 -14.79 6.77 -0.97
N VAL A 26 -15.57 5.79 -1.41
CA VAL A 26 -14.98 4.54 -1.90
C VAL A 26 -14.38 4.74 -3.28
N SER A 27 -14.97 5.61 -4.10
CA SER A 27 -14.45 5.87 -5.43
C SER A 27 -13.14 6.67 -5.40
N TRP A 28 -12.88 7.41 -4.33
CA TRP A 28 -11.65 8.16 -4.17
C TRP A 28 -10.66 7.50 -3.23
N LEU A 29 -10.79 6.18 -3.02
CA LEU A 29 -9.87 5.48 -2.13
C LEU A 29 -8.51 5.26 -2.77
N SER A 30 -8.45 5.22 -4.11
CA SER A 30 -7.19 5.04 -4.80
C SER A 30 -6.36 6.32 -4.84
N THR A 31 -6.98 7.48 -4.62
CA THR A 31 -6.24 8.73 -4.64
C THR A 31 -5.54 8.98 -3.31
N ILE A 32 -6.19 8.62 -2.19
CA ILE A 32 -5.62 8.88 -0.88
C ILE A 32 -4.46 7.92 -0.60
N GLY A 33 -4.51 6.71 -1.15
CA GLY A 33 -3.44 5.76 -0.96
C GLY A 33 -2.14 6.16 -1.64
N ILE A 34 -2.23 6.93 -2.71
CA ILE A 34 -1.03 7.48 -3.34
C ILE A 34 -0.66 8.84 -2.71
N THR A 35 -1.66 9.60 -2.25
CA THR A 35 -1.39 10.88 -1.61
C THR A 35 -0.71 10.69 -0.26
N LEU A 36 -1.13 9.68 0.51
CA LEU A 36 -0.46 9.38 1.77
C LEU A 36 0.89 8.71 1.56
N GLY A 37 1.14 8.13 0.39
CA GLY A 37 2.42 7.52 0.11
C GLY A 37 3.50 8.50 -0.30
N VAL A 38 3.10 9.55 -1.03
CA VAL A 38 4.08 10.56 -1.46
C VAL A 38 4.43 11.48 -0.30
N MET A 39 3.43 11.89 0.50
CA MET A 39 3.69 12.79 1.62
C MET A 39 4.42 12.10 2.76
N ALA A 40 4.44 10.77 2.80
CA ALA A 40 5.28 10.03 3.72
C ALA A 40 6.61 9.63 3.09
N LEU A 41 6.93 10.17 1.93
CA LEU A 41 8.18 9.91 1.22
C LEU A 41 9.01 11.17 1.02
N VAL A 42 8.36 12.30 0.74
CA VAL A 42 9.09 13.55 0.58
C VAL A 42 9.46 14.14 1.95
N THR A 43 8.59 13.95 2.95
CA THR A 43 8.83 14.54 4.26
C THR A 43 9.95 13.81 5.01
N VAL A 44 10.00 12.48 4.90
CA VAL A 44 11.00 11.70 5.62
C VAL A 44 12.37 11.87 4.96
N LEU A 45 12.42 11.92 3.63
CA LEU A 45 13.69 12.14 2.94
C LEU A 45 14.17 13.58 3.03
N SER A 46 13.29 14.52 3.39
CA SER A 46 13.75 15.89 3.62
C SER A 46 14.54 15.99 4.91
N VAL A 47 14.26 15.13 5.89
CA VAL A 47 15.05 15.09 7.12
C VAL A 47 16.39 14.42 6.86
N MET A 48 16.41 13.39 6.02
CA MET A 48 17.67 12.72 5.68
C MET A 48 18.53 13.59 4.77
N ASN A 49 17.91 14.45 3.96
CA ASN A 49 18.68 15.40 3.17
C ASN A 49 19.19 16.54 4.03
N GLY A 50 18.51 16.84 5.15
CA GLY A 50 19.01 17.82 6.08
C GLY A 50 20.19 17.33 6.89
N PHE A 51 20.26 16.02 7.13
CA PHE A 51 21.43 15.46 7.81
C PHE A 51 22.63 15.39 6.89
N GLU A 52 22.41 15.16 5.59
CA GLU A 52 23.51 15.15 4.63
C GLU A 52 24.01 16.55 4.32
N ARG A 53 23.12 17.54 4.33
CA ARG A 53 23.54 18.92 4.09
C ARG A 53 24.27 19.50 5.29
N GLU A 54 23.89 19.09 6.50
CA GLU A 54 24.60 19.54 7.69
C GLU A 54 25.96 18.86 7.81
N LEU A 55 26.06 17.60 7.40
CA LEU A 55 27.35 16.90 7.41
C LEU A 55 28.27 17.39 6.29
N GLN A 56 27.71 17.95 5.22
CA GLN A 56 28.54 18.47 4.14
C GLN A 56 29.19 19.79 4.52
N ASN A 57 28.44 20.70 5.15
CA ASN A 57 28.96 22.01 5.51
C ASN A 57 29.90 21.96 6.71
N ASN A 58 29.93 20.86 7.47
CA ASN A 58 30.79 20.75 8.62
C ASN A 58 32.03 19.89 8.37
N ILE A 59 32.03 19.07 7.32
CA ILE A 59 33.17 18.20 7.03
C ILE A 59 33.75 18.55 5.67
N LEU A 60 32.92 18.46 4.62
CA LEU A 60 33.39 18.77 3.27
C LEU A 60 33.63 20.26 3.06
N GLY A 61 32.95 21.11 3.82
CA GLY A 61 33.16 22.55 3.74
C GLY A 61 34.36 23.08 4.48
N LEU A 62 35.07 22.21 5.20
CA LEU A 62 36.26 22.61 5.95
C LEU A 62 37.52 21.91 5.48
N MET A 63 37.43 21.03 4.50
CA MET A 63 38.55 20.30 3.95
C MET A 63 38.63 20.51 2.45
N PRO A 64 39.81 20.36 1.84
CA PRO A 64 39.89 20.41 0.38
C PRO A 64 39.21 19.20 -0.26
N GLN A 65 38.26 19.49 -1.16
CA GLN A 65 37.50 18.42 -1.79
C GLN A 65 38.32 17.68 -2.84
N ALA A 66 38.79 18.40 -3.86
CA ALA A 66 39.57 17.81 -4.93
C ALA A 66 40.86 18.60 -5.12
N ILE A 67 41.96 17.87 -5.27
CA ILE A 67 43.28 18.46 -5.47
C ILE A 67 43.83 17.95 -6.79
N LEU A 68 44.13 18.87 -7.70
CA LEU A 68 44.65 18.53 -9.02
C LEU A 68 46.17 18.46 -8.92
N SER A 69 46.68 17.32 -8.49
CA SER A 69 48.11 17.10 -8.33
C SER A 69 48.67 16.32 -9.51
N SER A 70 49.98 16.39 -9.68
CA SER A 70 50.65 15.71 -10.77
C SER A 70 50.84 14.23 -10.44
N GLU A 71 51.30 13.48 -11.44
CA GLU A 71 51.52 12.05 -11.30
C GLU A 71 52.99 11.69 -11.09
N HIS A 72 53.91 12.61 -11.35
CA HIS A 72 55.34 12.35 -11.20
C HIS A 72 55.91 13.06 -9.96
N GLY A 73 55.09 13.25 -8.94
CA GLY A 73 55.54 13.90 -7.72
C GLY A 73 54.82 15.21 -7.44
N SER A 74 55.56 16.32 -7.46
CA SER A 74 55.00 17.62 -7.19
C SER A 74 54.58 18.31 -8.50
N LEU A 75 54.11 19.54 -8.39
CA LEU A 75 53.62 20.31 -9.53
C LEU A 75 54.36 21.64 -9.58
N ASN A 76 54.91 21.95 -10.75
CA ASN A 76 55.57 23.23 -10.94
C ASN A 76 54.53 24.31 -11.23
N PRO A 77 54.48 25.39 -10.44
CA PRO A 77 53.48 26.44 -10.70
C PRO A 77 53.76 27.27 -11.95
N GLN A 78 55.00 27.29 -12.43
CA GLN A 78 55.32 28.04 -13.64
C GLN A 78 54.83 27.33 -14.89
N GLN A 79 54.69 26.01 -14.85
CA GLN A 79 54.18 25.26 -16.00
C GLN A 79 52.66 25.26 -16.06
N LEU A 80 52.00 25.28 -14.91
CA LEU A 80 50.53 25.28 -14.83
C LEU A 80 50.10 26.41 -13.92
N PRO A 81 49.85 27.60 -14.47
CA PRO A 81 49.44 28.74 -13.66
C PRO A 81 47.96 28.64 -13.28
N GLU A 82 47.48 29.70 -12.60
CA GLU A 82 46.10 29.72 -12.14
C GLU A 82 45.12 29.98 -13.27
N THR A 83 45.56 30.68 -14.32
CA THR A 83 44.70 31.02 -15.45
C THR A 83 44.77 29.99 -16.57
N ALA A 84 45.18 28.76 -16.27
CA ALA A 84 45.30 27.71 -17.27
C ALA A 84 44.20 26.67 -17.17
N VAL A 85 43.78 26.30 -15.96
CA VAL A 85 42.76 25.28 -15.78
C VAL A 85 41.39 25.88 -16.07
N LYS A 86 40.57 25.14 -16.83
CA LYS A 86 39.24 25.54 -17.24
C LYS A 86 38.23 24.44 -16.91
N LEU A 87 38.33 23.89 -15.70
CA LEU A 87 37.50 22.76 -15.31
C LEU A 87 36.08 23.21 -15.00
N ASP A 88 35.12 22.32 -15.27
CA ASP A 88 33.72 22.61 -15.03
C ASP A 88 33.39 22.47 -13.55
N GLY A 89 32.57 23.39 -13.05
CA GLY A 89 32.18 23.39 -11.66
C GLY A 89 33.16 24.05 -10.70
N VAL A 90 34.32 24.48 -11.19
CA VAL A 90 35.33 25.11 -10.35
C VAL A 90 35.13 26.62 -10.42
N ASN A 91 34.94 27.25 -9.25
CA ASN A 91 34.76 28.70 -9.17
C ASN A 91 35.93 29.40 -8.50
N ARG A 92 36.85 28.66 -7.89
CA ARG A 92 38.00 29.26 -7.23
C ARG A 92 39.15 28.27 -7.21
N VAL A 93 40.32 28.71 -7.66
CA VAL A 93 41.54 27.89 -7.69
C VAL A 93 42.52 28.47 -6.70
N ALA A 94 43.03 27.63 -5.79
CA ALA A 94 43.97 28.06 -4.78
C ALA A 94 45.01 26.97 -4.57
N PRO A 95 46.28 27.34 -4.38
CA PRO A 95 47.31 26.32 -4.14
C PRO A 95 47.24 25.77 -2.72
N ILE A 96 47.65 24.51 -2.59
CA ILE A 96 47.64 23.81 -1.31
C ILE A 96 48.71 22.74 -1.33
N THR A 97 49.14 22.31 -0.13
CA THR A 97 50.08 21.22 0.04
C THR A 97 49.52 20.29 1.10
N THR A 98 49.09 19.10 0.68
CA THR A 98 48.43 18.14 1.57
C THR A 98 49.30 16.89 1.64
N GLY A 99 49.67 16.51 2.86
CA GLY A 99 50.47 15.32 3.07
C GLY A 99 50.16 14.62 4.38
N ASP A 100 50.18 13.30 4.37
CA ASP A 100 49.89 12.50 5.57
C ASP A 100 51.12 12.51 6.46
N VAL A 101 51.14 13.39 7.45
CA VAL A 101 52.25 13.52 8.37
C VAL A 101 51.81 13.09 9.77
N VAL A 102 52.78 13.02 10.69
CA VAL A 102 52.51 12.68 12.07
C VAL A 102 52.93 13.86 12.95
N LEU A 103 52.45 13.84 14.19
CA LEU A 103 52.72 14.90 15.15
C LEU A 103 53.62 14.39 16.26
N GLN A 104 54.15 15.33 17.03
CA GLN A 104 55.04 15.00 18.15
C GLN A 104 55.01 16.16 19.14
N SER A 105 54.67 15.86 20.39
CA SER A 105 54.61 16.86 21.45
C SER A 105 55.33 16.32 22.69
N ALA A 106 55.30 17.10 23.76
CA ALA A 106 55.97 16.74 25.00
C ALA A 106 55.13 15.84 25.89
N ARG A 107 53.86 15.60 25.56
CA ARG A 107 52.98 14.76 26.35
C ARG A 107 52.61 13.46 25.65
N SER A 108 52.14 13.54 24.41
CA SER A 108 51.71 12.35 23.68
C SER A 108 52.07 12.52 22.21
N VAL A 109 51.83 11.46 21.45
CA VAL A 109 52.11 11.41 20.02
C VAL A 109 50.77 11.16 19.32
N ALA A 110 50.20 12.22 18.74
CA ALA A 110 48.91 12.14 18.07
C ALA A 110 49.11 12.08 16.55
N VAL A 111 48.01 12.10 15.81
CA VAL A 111 48.03 12.05 14.36
C VAL A 111 47.31 13.28 13.82
N GLY A 112 47.67 13.68 12.60
CA GLY A 112 47.05 14.83 11.97
C GLY A 112 47.69 15.18 10.63
N VAL A 113 46.87 15.54 9.65
CA VAL A 113 47.38 15.85 8.32
C VAL A 113 47.92 17.27 8.30
N MET A 114 48.67 17.61 7.27
CA MET A 114 49.26 18.93 7.10
C MET A 114 48.63 19.61 5.90
N LEU A 115 48.12 20.84 6.11
CA LEU A 115 47.46 21.61 5.06
C LEU A 115 48.21 22.92 4.88
N GLY A 116 48.84 23.08 3.72
CA GLY A 116 49.56 24.31 3.41
C GLY A 116 48.66 25.37 2.80
N ILE A 117 48.25 26.34 3.61
CA ILE A 117 47.33 27.37 3.17
C ILE A 117 48.11 28.64 2.82
N ASP A 118 47.45 29.54 2.09
CA ASP A 118 48.05 30.80 1.71
C ASP A 118 47.49 31.91 2.59
N PRO A 119 48.32 32.62 3.37
CA PRO A 119 47.78 33.69 4.23
C PRO A 119 47.37 34.94 3.47
N ALA A 120 47.78 35.10 2.21
CA ALA A 120 47.42 36.26 1.42
C ALA A 120 46.06 36.13 0.76
N GLN A 121 45.43 34.96 0.83
CA GLN A 121 44.13 34.72 0.21
C GLN A 121 43.06 34.54 1.29
N LYS A 122 41.84 34.31 0.85
CA LYS A 122 40.71 34.13 1.77
C LYS A 122 40.65 32.69 2.23
N ASP A 123 40.54 32.50 3.54
CA ASP A 123 40.52 31.20 4.19
C ASP A 123 39.14 30.91 4.77
N PRO A 124 38.61 29.70 4.59
CA PRO A 124 37.30 29.37 5.16
C PRO A 124 37.29 29.25 6.68
N LEU A 125 38.45 29.06 7.31
CA LEU A 125 38.54 28.95 8.77
C LEU A 125 38.91 30.26 9.44
N THR A 126 38.51 31.39 8.85
CA THR A 126 38.82 32.71 9.40
C THR A 126 38.03 33.08 10.67
N PRO A 127 36.71 32.85 10.81
CA PRO A 127 36.07 33.18 12.10
C PRO A 127 36.31 32.15 13.19
N TYR A 128 36.92 31.01 12.88
CA TYR A 128 37.15 29.96 13.86
C TYR A 128 38.41 30.17 14.68
N LEU A 129 39.27 31.10 14.29
CA LEU A 129 40.51 31.36 15.02
C LEU A 129 40.23 32.17 16.26
N VAL A 130 40.69 31.68 17.41
CA VAL A 130 40.49 32.37 18.68
C VAL A 130 41.53 33.48 18.87
N ASN A 131 41.17 34.69 18.42
CA ASN A 131 42.00 35.90 18.49
C ASN A 131 43.35 35.72 17.79
N VAL A 132 43.35 34.99 16.69
CA VAL A 132 44.55 34.73 15.89
C VAL A 132 44.33 35.30 14.50
N LYS A 133 45.24 36.15 14.06
CA LYS A 133 45.12 36.76 12.74
C LYS A 133 45.52 35.77 11.65
N GLN A 134 45.30 36.18 10.40
CA GLN A 134 45.51 35.30 9.27
C GLN A 134 46.93 35.37 8.72
N THR A 135 47.55 36.55 8.76
CA THR A 135 48.84 36.77 8.12
C THR A 135 50.01 36.51 9.07
N ASP A 136 49.86 35.62 10.04
CA ASP A 136 50.93 35.27 10.96
C ASP A 136 51.73 34.06 10.49
N LEU A 137 51.47 33.56 9.29
CA LEU A 137 52.20 32.40 8.75
C LEU A 137 53.26 32.91 7.79
N GLU A 138 54.39 33.31 8.35
CA GLU A 138 55.51 33.81 7.58
C GLU A 138 56.49 32.69 7.24
N PRO A 139 57.08 32.70 6.06
CA PRO A 139 58.06 31.66 5.71
C PRO A 139 59.38 31.86 6.46
N GLY A 140 59.90 30.77 7.00
CA GLY A 140 61.12 30.77 7.77
C GLY A 140 60.91 30.72 9.27
N LYS A 141 59.82 31.32 9.76
CA LYS A 141 59.53 31.30 11.19
C LYS A 141 58.92 29.99 11.65
N TYR A 142 58.37 29.19 10.72
CA TYR A 142 57.78 27.88 10.96
C TYR A 142 56.63 27.95 11.98
N ASN A 143 55.60 28.70 11.61
CA ASN A 143 54.41 28.83 12.44
C ASN A 143 53.36 27.80 12.02
N VAL A 144 52.59 27.33 13.01
CA VAL A 144 51.60 26.29 12.79
C VAL A 144 50.40 26.58 13.69
N ILE A 145 49.20 26.43 13.13
CA ILE A 145 47.95 26.62 13.85
C ILE A 145 47.31 25.25 14.03
N LEU A 146 47.42 24.70 15.23
CA LEU A 146 46.83 23.40 15.52
C LEU A 146 45.33 23.54 15.77
N GLY A 147 44.67 22.39 15.98
CA GLY A 147 43.25 22.40 16.30
C GLY A 147 42.99 22.42 17.79
N GLU A 148 41.72 22.66 18.14
CA GLU A 148 41.33 22.72 19.54
C GLU A 148 41.27 21.33 20.15
N GLN A 149 40.64 20.38 19.46
CA GLN A 149 40.59 19.00 19.94
C GLN A 149 41.92 18.29 19.76
N LEU A 150 42.77 18.76 18.86
CA LEU A 150 44.10 18.18 18.71
C LEU A 150 45.02 18.60 19.85
N ALA A 151 44.91 19.85 20.30
CA ALA A 151 45.73 20.35 21.39
C ALA A 151 45.25 19.87 22.76
N SER A 152 44.06 19.28 22.85
CA SER A 152 43.58 18.78 24.13
C SER A 152 44.29 17.48 24.51
N GLN A 153 44.48 16.58 23.55
CA GLN A 153 45.20 15.34 23.82
C GLN A 153 46.71 15.54 23.80
N LEU A 154 47.19 16.65 23.25
CA LEU A 154 48.62 16.95 23.22
C LEU A 154 49.06 17.87 24.34
N GLY A 155 48.16 18.70 24.87
CA GLY A 155 48.51 19.62 25.94
C GLY A 155 49.38 20.77 25.49
N VAL A 156 49.13 21.32 24.31
CA VAL A 156 49.92 22.41 23.74
C VAL A 156 49.07 23.66 23.78
N ASN A 157 49.50 24.64 24.57
CA ASN A 157 48.80 25.92 24.67
C ASN A 157 49.40 26.90 23.65
N ARG A 158 49.05 28.18 23.77
CA ARG A 158 49.57 29.19 22.87
C ARG A 158 50.98 29.60 23.31
N GLY A 159 51.97 29.29 22.48
CA GLY A 159 53.35 29.68 22.74
C GLY A 159 54.33 28.56 22.98
N ASP A 160 53.97 27.32 22.69
CA ASP A 160 54.86 26.18 22.86
C ASP A 160 55.45 25.75 21.52
N GLN A 161 56.16 24.63 21.52
CA GLN A 161 56.82 24.11 20.34
C GLN A 161 56.44 22.66 20.13
N ILE A 162 56.25 22.25 18.87
CA ILE A 162 55.93 20.88 18.51
C ILE A 162 56.93 20.42 17.45
N ARG A 163 56.74 19.20 16.98
CA ARG A 163 57.61 18.62 15.96
C ARG A 163 56.74 17.90 14.93
N VAL A 164 56.92 18.24 13.66
CA VAL A 164 56.17 17.64 12.56
C VAL A 164 57.12 16.76 11.76
N MET A 165 56.77 15.47 11.66
CA MET A 165 57.58 14.49 10.96
C MET A 165 56.78 13.94 9.78
N VAL A 166 57.45 13.78 8.64
CA VAL A 166 56.81 13.28 7.43
C VAL A 166 57.34 11.88 7.13
N PRO A 167 56.55 10.83 7.42
CA PRO A 167 57.03 9.47 7.13
C PRO A 167 56.94 9.10 5.67
N SER A 168 55.96 9.67 4.96
CA SER A 168 55.74 9.32 3.57
C SER A 168 56.77 9.98 2.65
N ALA A 169 56.81 11.30 2.63
CA ALA A 169 57.74 12.04 1.77
C ALA A 169 59.10 12.10 2.45
N SER A 170 59.89 11.04 2.25
CA SER A 170 61.21 10.92 2.81
C SER A 170 62.23 10.70 1.70
N GLN A 171 63.46 11.16 1.95
CA GLN A 171 64.54 11.01 0.99
C GLN A 171 65.24 9.66 1.17
N PHE A 172 66.13 9.35 0.23
CA PHE A 172 66.88 8.11 0.27
C PHE A 172 68.20 8.32 1.00
N THR A 173 68.60 7.33 1.80
CA THR A 173 69.79 7.40 2.62
C THR A 173 70.35 5.98 2.67
N PRO A 174 71.66 5.81 2.43
CA PRO A 174 72.22 4.44 2.28
C PRO A 174 72.23 3.60 3.55
N MET A 175 72.02 4.19 4.73
CA MET A 175 72.00 3.39 5.95
C MET A 175 70.62 2.83 6.29
N GLY A 176 69.60 3.19 5.52
CA GLY A 176 68.26 2.71 5.80
C GLY A 176 67.17 3.65 5.32
N ARG A 177 66.26 4.02 6.22
CA ARG A 177 65.17 4.93 5.90
C ARG A 177 64.94 5.84 7.10
N ILE A 178 65.26 7.12 6.94
CA ILE A 178 65.05 8.11 7.99
C ILE A 178 64.02 9.13 7.52
N PRO A 179 63.08 9.54 8.37
CA PRO A 179 62.10 10.54 7.96
C PRO A 179 62.65 11.96 8.07
N SER A 180 61.98 12.88 7.37
CA SER A 180 62.34 14.28 7.40
C SER A 180 61.47 15.00 8.42
N GLN A 181 62.09 15.55 9.45
CA GLN A 181 61.39 16.26 10.50
C GLN A 181 62.04 17.62 10.76
N ARG A 182 61.22 18.60 11.10
CA ARG A 182 61.68 19.96 11.39
C ARG A 182 61.07 20.40 12.72
N LEU A 183 61.31 21.65 13.08
CA LEU A 183 60.80 22.25 14.30
C LEU A 183 59.76 23.30 13.95
N PHE A 184 58.61 23.25 14.63
CA PHE A 184 57.51 24.16 14.38
C PHE A 184 57.00 24.72 15.70
N ASN A 185 56.78 26.03 15.75
CA ASN A 185 56.26 26.71 16.92
C ASN A 185 54.81 27.10 16.68
N VAL A 186 53.96 26.85 17.68
CA VAL A 186 52.55 27.19 17.56
C VAL A 186 52.34 28.67 17.88
N ILE A 187 51.22 29.20 17.39
CA ILE A 187 50.85 30.60 17.62
C ILE A 187 49.44 30.65 18.18
N GLY A 188 48.73 29.53 18.13
CA GLY A 188 47.37 29.47 18.62
C GLY A 188 46.62 28.34 17.97
N THR A 189 45.41 28.11 18.50
CA THR A 189 44.51 27.06 18.04
C THR A 189 43.30 27.68 17.35
N PHE A 190 42.37 26.82 16.94
CA PHE A 190 41.10 27.25 16.37
C PHE A 190 40.07 26.16 16.61
N ALA A 191 38.82 26.57 16.75
CA ALA A 191 37.72 25.67 17.05
C ALA A 191 36.55 25.97 16.13
N ALA A 192 35.97 24.93 15.53
CA ALA A 192 34.84 25.08 14.64
C ALA A 192 33.64 24.20 15.00
N ASN A 193 33.73 23.45 16.10
CA ASN A 193 32.69 22.53 16.59
C ASN A 193 32.34 21.48 15.54
N SER A 194 33.34 20.69 15.17
CA SER A 194 33.18 19.64 14.17
C SER A 194 34.14 18.51 14.51
N GLU A 195 34.34 17.59 13.57
CA GLU A 195 35.21 16.45 13.76
C GLU A 195 36.54 16.58 13.04
N VAL A 196 36.67 17.52 12.10
CA VAL A 196 37.92 17.68 11.36
C VAL A 196 38.96 18.51 12.10
N ASP A 197 38.61 19.05 13.27
CA ASP A 197 39.55 19.87 14.03
C ASP A 197 40.56 19.04 14.82
N GLY A 198 40.37 17.72 14.90
CA GLY A 198 41.28 16.87 15.64
C GLY A 198 42.41 16.26 14.84
N TYR A 199 42.38 16.42 13.51
CA TYR A 199 43.46 15.86 12.68
C TYR A 199 43.89 16.82 11.56
N GLU A 200 43.62 18.11 11.70
CA GLU A 200 43.99 19.09 10.68
C GLU A 200 44.67 20.28 11.35
N MET A 201 45.69 20.81 10.68
CA MET A 201 46.42 21.97 11.16
C MET A 201 46.75 22.89 9.99
N LEU A 202 46.94 24.17 10.29
CA LEU A 202 47.26 25.17 9.29
C LEU A 202 48.75 25.48 9.32
N VAL A 203 49.34 25.66 8.14
CA VAL A 203 50.76 25.94 8.00
C VAL A 203 50.94 26.75 6.71
N ASN A 204 52.08 27.40 6.57
CA ASN A 204 52.38 28.19 5.39
C ASN A 204 52.54 27.30 4.16
N ILE A 205 52.31 27.89 2.98
CA ILE A 205 52.38 27.13 1.74
C ILE A 205 53.84 26.82 1.38
N GLU A 206 54.76 27.73 1.71
CA GLU A 206 56.17 27.52 1.42
C GLU A 206 56.78 26.71 2.56
N ASP A 207 57.22 25.48 2.24
CA ASP A 207 57.87 24.62 3.20
C ASP A 207 58.80 23.66 2.47
N ALA A 208 59.96 23.40 3.07
CA ALA A 208 60.96 22.51 2.50
C ALA A 208 61.08 21.23 3.32
N SER A 209 59.96 20.73 3.83
CA SER A 209 59.93 19.54 4.66
C SER A 209 59.57 18.28 3.88
N ARG A 210 59.19 18.41 2.61
CA ARG A 210 58.85 17.26 1.77
C ARG A 210 59.83 17.05 0.64
N LEU A 211 60.07 18.08 -0.18
CA LEU A 211 61.00 17.97 -1.29
C LEU A 211 61.56 19.37 -1.58
N MET A 212 62.47 19.43 -2.56
CA MET A 212 63.15 20.65 -3.01
C MET A 212 63.87 21.40 -1.89
N GLY A 217 61.31 25.73 -4.50
CA GLY A 217 60.04 25.59 -3.82
C GLY A 217 58.86 25.60 -4.77
N ASN A 218 58.01 24.57 -4.67
CA ASN A 218 56.84 24.44 -5.52
C ASN A 218 55.68 23.92 -4.67
N ILE A 219 54.57 23.61 -5.31
CA ILE A 219 53.38 23.11 -4.63
C ILE A 219 53.08 21.70 -5.08
N THR A 220 52.06 21.08 -4.49
CA THR A 220 51.63 19.74 -4.86
C THR A 220 50.46 19.75 -5.84
N GLY A 221 49.43 20.55 -5.55
CA GLY A 221 48.28 20.62 -6.42
C GLY A 221 47.56 21.94 -6.26
N TRP A 222 46.29 21.94 -6.66
CA TRP A 222 45.43 23.10 -6.58
C TRP A 222 44.13 22.73 -5.89
N ARG A 223 43.78 23.47 -4.83
CA ARG A 223 42.52 23.25 -4.14
C ARG A 223 41.40 23.97 -4.87
N LEU A 224 40.34 23.24 -5.19
CA LEU A 224 39.21 23.78 -5.93
C LEU A 224 37.91 23.57 -5.16
N TRP A 225 36.95 24.44 -5.40
CA TRP A 225 35.64 24.37 -4.79
C TRP A 225 34.59 24.04 -5.85
N LEU A 226 33.70 23.11 -5.52
CA LEU A 226 32.67 22.64 -6.43
C LEU A 226 31.31 23.17 -6.01
N ASP A 227 30.39 23.21 -6.97
CA ASP A 227 29.01 23.61 -6.66
C ASP A 227 28.28 22.53 -5.89
N GLU A 228 28.61 21.26 -6.14
CA GLU A 228 28.05 20.14 -5.40
C GLU A 228 29.17 19.14 -5.08
N PRO A 229 29.65 19.10 -3.84
CA PRO A 229 30.74 18.19 -3.49
C PRO A 229 30.27 16.77 -3.17
N LEU A 230 28.97 16.50 -3.21
CA LEU A 230 28.47 15.16 -2.91
C LEU A 230 28.74 14.16 -4.04
N LYS A 231 28.91 14.64 -5.27
CA LYS A 231 29.17 13.78 -6.41
C LYS A 231 30.49 14.19 -7.08
N VAL A 232 31.37 13.21 -7.29
CA VAL A 232 32.64 13.42 -7.97
C VAL A 232 32.89 12.40 -9.07
N ASP A 233 32.00 11.42 -9.25
CA ASP A 233 32.20 10.41 -10.29
C ASP A 233 31.87 10.95 -11.67
N SER A 234 30.98 11.94 -11.76
CA SER A 234 30.66 12.55 -13.03
C SER A 234 31.66 13.61 -13.46
N LEU A 235 32.41 14.17 -12.51
CA LEU A 235 33.43 15.16 -12.79
C LEU A 235 34.84 14.57 -12.83
N SER A 236 34.95 13.27 -13.11
CA SER A 236 36.24 12.61 -13.18
C SER A 236 36.61 12.13 -14.57
N GLN A 237 35.64 11.95 -15.47
CA GLN A 237 35.88 11.51 -16.83
C GLN A 237 35.75 12.65 -17.84
N GLN A 238 35.95 13.88 -17.38
CA GLN A 238 35.86 15.05 -18.24
C GLN A 238 37.24 15.33 -18.86
N LYS A 239 37.38 16.50 -19.49
CA LYS A 239 38.65 16.89 -20.10
C LYS A 239 39.61 17.33 -19.00
N LEU A 240 40.55 16.46 -18.67
CA LEU A 240 41.58 16.71 -17.66
C LEU A 240 42.84 17.27 -18.32
N PRO A 241 43.49 18.26 -17.71
CA PRO A 241 44.73 18.79 -18.28
C PRO A 241 45.87 17.79 -18.16
N GLU A 242 46.88 17.98 -19.00
CA GLU A 242 48.01 17.07 -19.05
C GLU A 242 48.94 17.29 -17.87
N GLY A 243 49.69 16.25 -17.52
CA GLY A 243 50.64 16.33 -16.42
C GLY A 243 50.01 16.40 -15.05
N SER A 244 48.77 15.95 -14.89
CA SER A 244 48.09 16.02 -13.61
C SER A 244 47.05 14.91 -13.52
N LYS A 245 46.82 14.43 -12.31
CA LYS A 245 45.82 13.41 -12.03
C LYS A 245 44.74 13.96 -11.12
N TRP A 246 43.61 13.26 -11.07
CA TRP A 246 42.46 13.67 -10.29
C TRP A 246 42.50 12.97 -8.93
N GLN A 247 42.50 13.76 -7.86
CA GLN A 247 42.50 13.24 -6.49
C GLN A 247 41.33 13.89 -5.74
N ASP A 248 40.24 13.16 -5.61
CA ASP A 248 39.04 13.66 -4.95
C ASP A 248 39.13 13.39 -3.44
N TRP A 249 38.02 13.60 -2.75
CA TRP A 249 37.95 13.38 -1.30
C TRP A 249 37.61 11.94 -0.93
N ARG A 250 37.50 11.05 -1.92
CA ARG A 250 37.14 9.66 -1.65
C ARG A 250 38.30 8.82 -1.16
N ASP A 251 39.52 9.38 -1.13
CA ASP A 251 40.67 8.63 -0.62
C ASP A 251 40.67 8.54 0.90
N ARG A 252 40.02 9.48 1.59
CA ARG A 252 39.95 9.49 3.04
C ARG A 252 38.53 9.31 3.55
N LYS A 253 37.59 10.12 3.07
CA LYS A 253 36.19 10.05 3.48
C LYS A 253 35.32 9.34 2.46
N GLY A 254 35.86 8.32 1.78
CA GLY A 254 35.11 7.60 0.78
C GLY A 254 34.06 6.64 1.32
N GLU A 255 34.11 6.34 2.63
CA GLU A 255 33.12 5.46 3.25
C GLU A 255 32.14 6.20 4.15
N LEU A 256 32.33 7.49 4.38
CA LEU A 256 31.46 8.25 5.27
C LEU A 256 30.26 8.82 4.51
N PHE A 257 30.51 9.59 3.45
CA PHE A 257 29.42 10.18 2.68
C PHE A 257 28.78 9.18 1.72
N GLN A 258 29.47 8.08 1.40
CA GLN A 258 28.84 6.99 0.68
C GLN A 258 27.89 6.20 1.57
N ALA A 259 28.08 6.27 2.89
CA ALA A 259 27.19 5.58 3.81
C ALA A 259 25.85 6.28 3.94
N VAL A 260 25.81 7.60 3.71
CA VAL A 260 24.55 8.34 3.79
C VAL A 260 23.69 8.05 2.58
N ARG A 261 24.30 7.88 1.41
CA ARG A 261 23.54 7.57 0.19
C ARG A 261 22.98 6.16 0.23
N MET A 262 23.64 5.24 0.92
CA MET A 262 23.12 3.88 1.03
C MET A 262 21.94 3.81 2.01
N GLU A 263 21.94 4.66 3.04
CA GLU A 263 20.83 4.68 3.99
C GLU A 263 19.59 5.36 3.41
N LYS A 264 19.78 6.28 2.45
CA LYS A 264 18.63 6.87 1.79
C LYS A 264 17.99 5.92 0.80
N ASN A 265 18.76 4.97 0.27
CA ASN A 265 18.21 3.96 -0.63
C ASN A 265 17.47 2.85 0.12
N MET A 266 17.72 2.69 1.41
CA MET A 266 17.00 1.73 2.22
C MET A 266 15.72 2.30 2.80
N MET A 267 15.76 3.58 3.22
CA MET A 267 14.54 4.24 3.68
C MET A 267 13.62 4.57 2.50
N GLY A 268 14.20 4.88 1.34
CA GLY A 268 13.40 5.15 0.16
C GLY A 268 12.75 3.91 -0.41
N LEU A 269 13.33 2.74 -0.16
CA LEU A 269 12.72 1.48 -0.56
C LEU A 269 11.75 0.95 0.48
N LEU A 270 11.95 1.31 1.75
CA LEU A 270 11.01 0.91 2.80
C LEU A 270 9.70 1.69 2.68
N LEU A 271 9.78 2.97 2.36
CA LEU A 271 8.59 3.79 2.18
C LEU A 271 7.99 3.65 0.78
N SER A 272 8.65 2.92 -0.12
CA SER A 272 8.09 2.65 -1.44
C SER A 272 7.05 1.55 -1.43
N LEU A 273 6.88 0.84 -0.31
CA LEU A 273 5.85 -0.17 -0.20
C LEU A 273 4.47 0.42 0.02
N ILE A 274 4.37 1.71 0.34
CA ILE A 274 3.06 2.33 0.52
C ILE A 274 2.40 2.57 -0.83
N VAL A 275 3.18 3.01 -1.82
CA VAL A 275 2.65 3.21 -3.17
C VAL A 275 2.60 1.92 -3.97
N ALA A 276 3.24 0.86 -3.49
CA ALA A 276 3.16 -0.44 -4.17
C ALA A 276 1.81 -1.10 -3.93
N VAL A 277 1.29 -1.00 -2.70
CA VAL A 277 -0.05 -1.50 -2.43
C VAL A 277 -1.09 -0.54 -2.99
N ALA A 278 -0.76 0.76 -3.06
CA ALA A 278 -1.65 1.73 -3.68
C ALA A 278 -1.77 1.52 -5.19
N ALA A 279 -0.72 0.98 -5.82
CA ALA A 279 -0.84 0.57 -7.21
C ALA A 279 -1.67 -0.70 -7.35
N PHE A 280 -1.70 -1.54 -6.31
CA PHE A 280 -2.53 -2.73 -6.31
C PHE A 280 -3.99 -2.41 -6.04
N ASN A 281 -4.29 -1.25 -5.44
CA ASN A 281 -5.67 -0.85 -5.21
C ASN A 281 -6.37 -0.42 -6.49
N ILE A 282 -5.62 0.00 -7.50
CA ILE A 282 -6.21 0.36 -8.79
C ILE A 282 -6.69 -0.91 -9.51
N ILE A 283 -6.00 -2.03 -9.30
CA ILE A 283 -6.44 -3.30 -9.88
C ILE A 283 -7.74 -3.76 -9.23
N THR A 284 -7.91 -3.48 -7.93
CA THR A 284 -9.15 -3.84 -7.25
C THR A 284 -10.28 -2.87 -7.59
N SER A 285 -9.96 -1.58 -7.73
CA SER A 285 -10.99 -0.59 -7.99
C SER A 285 -11.50 -0.64 -9.43
N LEU A 286 -10.63 -0.97 -10.38
CA LEU A 286 -11.02 -1.02 -11.79
C LEU A 286 -11.33 -2.43 -12.28
N GLY A 287 -10.74 -3.46 -11.67
CA GLY A 287 -11.03 -4.82 -12.09
C GLY A 287 -12.42 -5.28 -11.66
N LEU A 288 -12.92 -4.76 -10.53
CA LEU A 288 -14.27 -5.06 -10.11
C LEU A 288 -15.30 -4.19 -10.81
N MET A 289 -14.87 -3.12 -11.47
CA MET A 289 -15.79 -2.27 -12.21
C MET A 289 -16.21 -2.90 -13.53
N VAL A 290 -15.35 -3.72 -14.14
CA VAL A 290 -15.71 -4.39 -15.38
C VAL A 290 -16.69 -5.53 -15.11
N MET A 291 -16.59 -6.18 -13.95
CA MET A 291 -17.46 -7.30 -13.63
C MET A 291 -18.88 -6.87 -13.31
N GLU A 292 -19.09 -5.62 -12.89
CA GLU A 292 -20.43 -5.12 -12.60
C GLU A 292 -21.03 -4.33 -13.76
N LYS A 293 -20.20 -3.67 -14.56
CA LYS A 293 -20.68 -2.91 -15.72
C LYS A 293 -20.63 -3.74 -17.00
N GLN A 294 -21.27 -4.91 -16.96
CA GLN A 294 -21.32 -5.75 -18.16
C GLN A 294 -22.32 -5.21 -19.17
N GLY A 295 -23.32 -4.47 -18.71
CA GLY A 295 -24.29 -3.86 -19.60
C GLY A 295 -23.88 -2.53 -20.19
N GLU A 296 -22.73 -1.99 -19.80
CA GLU A 296 -22.24 -0.73 -20.33
C GLU A 296 -21.07 -0.91 -21.29
N VAL A 297 -20.26 -1.94 -21.11
CA VAL A 297 -19.14 -2.18 -22.01
C VAL A 297 -19.61 -2.73 -23.34
N ALA A 298 -20.51 -3.72 -23.30
CA ALA A 298 -21.01 -4.33 -24.54
C ALA A 298 -21.98 -3.44 -25.29
N ILE A 299 -22.63 -2.49 -24.60
CA ILE A 299 -23.57 -1.61 -25.28
C ILE A 299 -22.85 -0.49 -26.02
N LEU A 300 -21.57 -0.25 -25.73
CA LEU A 300 -20.81 0.73 -26.49
C LEU A 300 -20.37 0.18 -27.84
N GLN A 301 -20.09 -1.12 -27.91
CA GLN A 301 -19.71 -1.74 -29.18
C GLN A 301 -20.88 -1.81 -30.15
N THR A 302 -22.10 -1.87 -29.63
CA THR A 302 -23.28 -1.85 -30.50
C THR A 302 -23.52 -0.45 -31.06
N GLN A 303 -23.10 0.59 -30.33
CA GLN A 303 -23.24 1.95 -30.83
C GLN A 303 -22.20 2.30 -31.88
N GLY A 304 -21.08 1.58 -31.93
CA GLY A 304 -20.08 1.82 -32.95
C GLY A 304 -18.71 2.15 -32.40
N LEU A 305 -18.42 1.72 -31.18
CA LEU A 305 -17.11 1.96 -30.57
C LEU A 305 -16.17 0.80 -30.90
N THR A 306 -15.01 1.14 -31.45
CA THR A 306 -14.00 0.14 -31.74
C THR A 306 -13.34 -0.32 -30.45
N PRO A 307 -12.90 -1.58 -30.37
CA PRO A 307 -12.25 -2.07 -29.15
C PRO A 307 -10.89 -1.44 -28.85
N ARG A 308 -10.27 -0.76 -29.81
CA ARG A 308 -9.02 -0.07 -29.53
C ARG A 308 -9.24 1.16 -28.66
N GLN A 309 -10.40 1.81 -28.78
CA GLN A 309 -10.71 2.99 -27.98
C GLN A 309 -11.34 2.66 -26.63
N ILE A 310 -11.94 1.47 -26.49
CA ILE A 310 -12.52 1.09 -25.20
C ILE A 310 -11.47 0.69 -24.18
N MET A 311 -10.24 0.45 -24.60
CA MET A 311 -9.16 0.14 -23.66
C MET A 311 -8.67 1.38 -22.92
N MET A 312 -8.71 2.55 -23.58
CA MET A 312 -8.25 3.79 -23.00
C MET A 312 -9.30 4.49 -22.14
N VAL A 313 -10.47 3.85 -21.94
CA VAL A 313 -11.49 4.43 -21.08
C VAL A 313 -11.09 4.27 -19.62
N PHE A 314 -10.66 3.07 -19.24
CA PHE A 314 -10.23 2.80 -17.88
C PHE A 314 -8.78 3.22 -17.62
N MET A 315 -8.04 3.61 -18.65
CA MET A 315 -6.66 4.04 -18.45
C MET A 315 -6.59 5.40 -17.76
N VAL A 316 -7.52 6.30 -18.09
CA VAL A 316 -7.59 7.59 -17.42
C VAL A 316 -8.14 7.42 -16.01
N GLN A 317 -9.03 6.43 -15.83
CA GLN A 317 -9.56 6.11 -14.50
C GLN A 317 -8.48 5.59 -13.57
N GLY A 318 -7.47 4.91 -14.12
CA GLY A 318 -6.30 4.54 -13.34
C GLY A 318 -5.26 5.64 -13.23
N ALA A 319 -5.32 6.63 -14.12
CA ALA A 319 -4.41 7.77 -14.09
C ALA A 319 -4.99 8.95 -13.32
N SER A 320 -6.28 8.94 -13.00
CA SER A 320 -6.88 10.02 -12.23
C SER A 320 -6.45 9.97 -10.76
N ALA A 321 -6.06 8.80 -10.26
CA ALA A 321 -5.55 8.69 -8.90
C ALA A 321 -4.04 8.90 -8.83
N GLY A 322 -3.33 8.73 -9.95
CA GLY A 322 -1.89 8.88 -9.95
C GLY A 322 -1.43 10.29 -10.26
N ILE A 323 -2.20 11.01 -11.08
CA ILE A 323 -1.84 12.38 -11.44
C ILE A 323 -2.21 13.34 -10.31
N ILE A 324 -3.46 13.29 -9.86
CA ILE A 324 -3.90 14.17 -8.78
C ILE A 324 -3.33 13.70 -7.44
N GLY A 325 -3.06 12.41 -7.30
CA GLY A 325 -2.48 11.90 -6.08
C GLY A 325 -1.02 12.28 -5.88
N ALA A 326 -0.30 12.56 -6.96
CA ALA A 326 1.09 12.98 -6.85
C ALA A 326 1.24 14.48 -6.62
N ILE A 327 0.33 15.29 -7.18
CA ILE A 327 0.39 16.73 -6.95
C ILE A 327 -0.07 17.07 -5.53
N LEU A 328 -1.15 16.42 -5.08
CA LEU A 328 -1.61 16.64 -3.71
C LEU A 328 -0.69 15.98 -2.69
N GLY A 329 0.02 14.93 -3.08
CA GLY A 329 0.97 14.30 -2.17
C GLY A 329 2.24 15.12 -2.00
N ALA A 330 2.68 15.78 -3.07
CA ALA A 330 3.87 16.63 -3.00
C ALA A 330 3.56 17.97 -2.33
N ALA A 331 2.31 18.42 -2.40
CA ALA A 331 1.95 19.68 -1.75
C ALA A 331 1.81 19.49 -0.24
N LEU A 332 1.23 18.38 0.19
CA LEU A 332 1.12 18.09 1.61
C LEU A 332 2.44 17.61 2.21
N GLY A 333 3.32 17.02 1.38
CA GLY A 333 4.62 16.61 1.88
C GLY A 333 5.55 17.78 2.11
N ALA A 334 5.44 18.83 1.30
CA ALA A 334 6.24 20.02 1.49
C ALA A 334 5.71 20.93 2.59
N LEU A 335 4.45 20.73 3.00
CA LEU A 335 3.86 21.55 4.06
C LEU A 335 4.24 21.02 5.44
N LEU A 336 4.35 19.69 5.59
CA LEU A 336 4.73 19.11 6.86
C LEU A 336 6.22 19.29 7.15
N ALA A 337 7.05 19.27 6.10
CA ALA A 337 8.50 19.42 6.29
C ALA A 337 8.90 20.87 6.56
N SER A 338 8.19 21.83 5.95
CA SER A 338 8.55 23.23 6.15
C SER A 338 7.98 23.78 7.46
N GLN A 339 6.76 23.39 7.81
CA GLN A 339 6.10 23.85 9.03
C GLN A 339 6.21 22.84 10.16
N LEU A 340 7.34 22.14 10.26
CA LEU A 340 7.52 21.13 11.30
C LEU A 340 7.78 21.77 12.65
N ASN A 341 8.73 22.69 12.73
CA ASN A 341 9.11 23.36 13.96
C ASN A 341 8.93 24.87 13.86
N ASN A 342 7.82 25.30 13.27
CA ASN A 342 7.54 26.72 13.12
C ASN A 342 6.87 27.31 14.36
N LEU A 343 5.81 26.67 14.84
CA LEU A 343 5.07 27.11 16.01
C LEU A 343 5.07 26.10 17.14
N MET A 344 4.90 24.82 16.83
CA MET A 344 4.86 23.77 17.83
C MET A 344 5.27 22.44 17.19
N PRO A 345 6.10 21.63 17.85
CA PRO A 345 6.44 20.31 17.31
C PRO A 345 5.26 19.35 17.30
N ILE A 346 4.82 18.96 16.11
CA ILE A 346 3.64 18.12 15.98
C ILE A 346 3.97 16.67 16.32
N ILE A 347 5.03 16.13 15.73
CA ILE A 347 5.37 14.72 15.91
C ILE A 347 6.03 14.42 17.24
N GLY A 348 6.42 15.43 18.00
CA GLY A 348 7.05 15.23 19.29
C GLY A 348 8.31 16.06 19.43
N VAL A 349 8.85 16.04 20.64
CA VAL A 349 10.05 16.78 21.00
C VAL A 349 11.16 15.79 21.26
N LEU A 350 12.27 15.93 20.54
CA LEU A 350 13.42 15.06 20.73
C LEU A 350 14.16 15.44 22.01
N LEU A 351 15.02 14.53 22.48
CA LEU A 351 15.65 14.67 23.78
C LEU A 351 16.69 15.79 23.84
N ASP A 352 17.20 16.24 22.69
CA ASP A 352 18.19 17.31 22.67
C ASP A 352 17.58 18.67 22.33
N GLY A 353 16.78 18.76 21.27
CA GLY A 353 16.22 20.02 20.84
C GLY A 353 17.27 20.98 20.30
N ALA A 354 17.96 20.57 19.23
CA ALA A 354 19.09 21.34 18.73
C ALA A 354 18.88 21.80 17.29
N ALA A 355 17.68 22.33 17.00
CA ALA A 355 17.31 22.97 15.72
C ALA A 355 17.49 22.01 14.54
N LEU A 356 16.63 20.97 14.56
CA LEU A 356 16.58 19.93 13.53
C LEU A 356 16.34 20.52 12.14
N PRO A 357 17.31 20.41 11.24
CA PRO A 357 17.17 21.05 9.93
C PRO A 357 16.37 20.20 8.95
N VAL A 358 15.74 20.89 8.00
CA VAL A 358 14.97 20.27 6.93
C VAL A 358 15.46 20.85 5.61
N ALA A 359 15.95 19.98 4.72
CA ALA A 359 16.42 20.38 3.40
C ALA A 359 15.51 19.76 2.35
N ILE A 360 14.80 20.60 1.61
CA ILE A 360 13.87 20.17 0.59
C ILE A 360 14.49 20.46 -0.77
N GLU A 361 14.91 19.41 -1.48
CA GLU A 361 15.48 19.57 -2.80
C GLU A 361 14.37 19.62 -3.84
N PRO A 362 14.34 20.64 -4.71
CA PRO A 362 13.26 20.72 -5.71
C PRO A 362 13.39 19.68 -6.82
N LEU A 363 14.59 19.18 -7.10
CA LEU A 363 14.75 18.17 -8.14
C LEU A 363 14.30 16.80 -7.67
N GLN A 364 14.36 16.52 -6.36
CA GLN A 364 13.98 15.22 -5.84
C GLN A 364 12.47 15.02 -5.82
N VAL A 365 11.70 16.10 -5.83
CA VAL A 365 10.25 15.99 -5.83
C VAL A 365 9.74 15.52 -7.19
N ILE A 366 10.40 15.95 -8.26
CA ILE A 366 10.01 15.56 -9.61
C ILE A 366 10.33 14.08 -9.87
N VAL A 367 11.41 13.58 -9.27
CA VAL A 367 11.77 12.17 -9.42
C VAL A 367 10.80 11.29 -8.64
N ILE A 368 10.37 11.76 -7.47
CA ILE A 368 9.45 10.97 -6.64
C ILE A 368 8.05 10.96 -7.26
N ALA A 369 7.57 12.12 -7.73
CA ALA A 369 6.22 12.21 -8.24
C ALA A 369 6.05 11.50 -9.58
N LEU A 370 7.11 11.43 -10.39
CA LEU A 370 7.03 10.71 -11.65
C LEU A 370 7.07 9.20 -11.47
N VAL A 371 7.55 8.70 -10.32
CA VAL A 371 7.49 7.27 -10.04
C VAL A 371 6.06 6.86 -9.74
N ALA A 372 5.35 7.65 -8.91
CA ALA A 372 3.96 7.35 -8.60
C ALA A 372 3.05 7.59 -9.80
N MET A 373 3.43 8.48 -10.71
CA MET A 373 2.69 8.67 -11.94
C MET A 373 2.95 7.57 -12.97
N ALA A 374 3.99 6.76 -12.78
CA ALA A 374 4.28 5.66 -13.67
C ALA A 374 3.88 4.31 -13.10
N ILE A 375 3.90 4.15 -11.78
CA ILE A 375 3.46 2.90 -11.15
C ILE A 375 1.95 2.81 -11.09
N ALA A 376 1.23 3.90 -11.31
CA ALA A 376 -0.23 3.89 -11.36
C ALA A 376 -0.77 3.56 -12.73
N LEU A 377 0.09 3.52 -13.76
CA LEU A 377 -0.33 3.21 -15.12
C LEU A 377 0.06 1.81 -15.56
N LEU A 378 1.09 1.21 -14.94
CA LEU A 378 1.48 -0.15 -15.30
C LEU A 378 0.50 -1.18 -14.76
N SER A 379 -0.11 -0.89 -13.61
CA SER A 379 -1.13 -1.76 -13.05
C SER A 379 -2.51 -1.56 -13.67
N THR A 380 -2.65 -0.58 -14.56
CA THR A 380 -3.92 -0.29 -15.22
C THR A 380 -4.08 -1.08 -16.52
N LEU A 381 -2.97 -1.58 -17.09
CA LEU A 381 -3.03 -2.23 -18.39
C LEU A 381 -3.73 -3.59 -18.34
N TYR A 382 -3.71 -4.26 -17.19
CA TYR A 382 -4.37 -5.56 -17.07
C TYR A 382 -5.89 -5.47 -16.91
N PRO A 383 -6.48 -4.57 -16.10
CA PRO A 383 -7.94 -4.44 -16.16
C PRO A 383 -8.45 -3.78 -17.43
N SER A 384 -7.63 -2.98 -18.11
CA SER A 384 -8.06 -2.37 -19.36
C SER A 384 -8.04 -3.36 -20.51
N TRP A 385 -7.14 -4.35 -20.47
CA TRP A 385 -7.10 -5.36 -21.52
C TRP A 385 -8.24 -6.36 -21.39
N ARG A 386 -8.68 -6.63 -20.16
CA ARG A 386 -9.78 -7.56 -19.95
C ARG A 386 -11.13 -6.97 -20.36
N ALA A 387 -11.24 -5.65 -20.40
CA ALA A 387 -12.47 -5.01 -20.84
C ALA A 387 -12.62 -5.02 -22.36
N ALA A 388 -11.53 -5.25 -23.10
CA ALA A 388 -11.57 -5.28 -24.55
C ALA A 388 -11.38 -6.67 -25.14
N ALA A 389 -10.80 -7.60 -24.39
CA ALA A 389 -10.58 -8.95 -24.89
C ALA A 389 -11.87 -9.77 -24.92
N THR A 390 -12.86 -9.43 -24.11
CA THR A 390 -14.13 -10.15 -24.10
C THR A 390 -14.96 -9.77 -25.32
N GLN A 391 -15.68 -10.75 -25.85
CA GLN A 391 -16.53 -10.52 -27.00
C GLN A 391 -17.77 -9.71 -26.60
N PRO A 392 -18.26 -8.84 -27.51
CA PRO A 392 -19.45 -8.05 -27.18
C PRO A 392 -20.76 -8.77 -27.47
N ALA A 393 -20.69 -10.08 -27.72
CA ALA A 393 -21.88 -10.88 -28.00
C ALA A 393 -22.25 -11.73 -26.79
N GLU A 394 -21.24 -12.24 -26.08
CA GLU A 394 -21.51 -13.10 -24.93
C GLU A 394 -21.85 -12.31 -23.67
N ALA A 395 -21.56 -11.01 -23.64
CA ALA A 395 -21.80 -10.23 -22.43
C ALA A 395 -23.28 -9.90 -22.25
N LEU A 396 -24.07 -9.97 -23.33
CA LEU A 396 -25.51 -9.75 -23.26
C LEU A 396 -26.21 -10.96 -23.86
N ARG A 397 -27.25 -11.44 -23.17
CA ARG A 397 -27.97 -12.63 -23.62
C ARG A 397 -29.42 -12.30 -23.95
N PRO B 4 -16.98 -23.77 19.84
CA PRO B 4 -18.17 -23.90 18.98
C PRO B 4 -18.14 -22.95 17.80
N LEU B 5 -19.31 -22.68 17.22
CA LEU B 5 -19.43 -21.77 16.09
C LEU B 5 -20.61 -20.84 16.30
N SER B 6 -20.48 -19.62 15.79
CA SER B 6 -21.49 -18.59 15.94
C SER B 6 -22.35 -18.49 14.69
N LEU B 7 -23.43 -17.72 14.80
CA LEU B 7 -24.33 -17.50 13.67
C LEU B 7 -23.75 -16.57 12.62
N LEU B 8 -22.79 -15.73 13.00
CA LEU B 8 -22.19 -14.75 12.10
C LEU B 8 -20.79 -15.13 11.65
N ILE B 9 -20.29 -16.30 12.05
CA ILE B 9 -18.96 -16.77 11.69
C ILE B 9 -19.03 -18.10 10.94
N GLY B 10 -19.70 -19.10 11.53
CA GLY B 10 -19.79 -20.42 10.93
C GLY B 10 -20.71 -20.52 9.74
N LEU B 11 -21.56 -19.53 9.52
CA LEU B 11 -22.50 -19.54 8.40
C LEU B 11 -22.07 -18.61 7.28
N ARG B 12 -20.87 -18.03 7.38
CA ARG B 12 -20.37 -17.10 6.37
C ARG B 12 -19.14 -17.63 5.63
N PHE B 13 -18.78 -18.89 5.85
CA PHE B 13 -17.71 -19.49 5.05
C PHE B 13 -18.20 -19.83 3.65
N SER B 14 -19.50 -20.11 3.50
CA SER B 14 -20.08 -20.38 2.19
C SER B 14 -20.36 -19.10 1.41
N ARG B 15 -20.43 -17.95 2.08
CA ARG B 15 -20.64 -16.69 1.37
C ARG B 15 -19.37 -16.25 0.65
N GLY B 16 -18.19 -16.60 1.17
CA GLY B 16 -16.94 -16.24 0.54
C GLY B 16 -16.65 -17.00 -0.73
N ARG B 17 -17.33 -18.12 -0.96
CA ARG B 17 -17.14 -18.93 -2.16
C ARG B 17 -17.94 -18.28 -3.30
N ARG B 18 -17.33 -17.25 -3.90
CA ARG B 18 -17.95 -16.51 -4.99
C ARG B 18 -17.04 -16.55 -6.21
N ARG B 19 -17.65 -16.75 -7.38
CA ARG B 19 -16.93 -16.84 -8.64
C ARG B 19 -17.64 -15.98 -9.68
N GLY B 20 -16.99 -15.82 -10.83
CA GLY B 20 -17.43 -14.89 -11.84
C GLY B 20 -16.42 -14.76 -12.97
N GLY B 21 -15.98 -13.53 -13.23
CA GLY B 21 -15.02 -13.29 -14.29
C GLY B 21 -13.60 -13.25 -13.78
N MET B 22 -13.02 -12.06 -13.67
CA MET B 22 -11.65 -11.88 -13.18
C MET B 22 -11.56 -11.76 -11.66
N VAL B 23 -12.54 -12.30 -10.92
CA VAL B 23 -12.53 -12.22 -9.47
C VAL B 23 -11.55 -13.21 -8.85
N SER B 24 -11.07 -14.19 -9.62
CA SER B 24 -10.13 -15.17 -9.08
C SER B 24 -8.75 -14.59 -8.84
N LEU B 25 -8.39 -13.51 -9.53
CA LEU B 25 -7.09 -12.87 -9.33
C LEU B 25 -7.11 -11.77 -8.29
N ILE B 26 -8.31 -11.30 -7.89
CA ILE B 26 -8.39 -10.27 -6.87
C ILE B 26 -8.04 -10.83 -5.49
N SER B 27 -8.36 -12.10 -5.24
CA SER B 27 -8.01 -12.73 -3.98
C SER B 27 -6.52 -12.98 -3.85
N VAL B 28 -5.78 -13.01 -4.97
CA VAL B 28 -4.33 -13.13 -4.90
C VAL B 28 -3.70 -11.76 -4.63
N ILE B 29 -4.27 -10.70 -5.22
CA ILE B 29 -3.75 -9.35 -5.00
C ILE B 29 -4.06 -8.87 -3.59
N SER B 30 -5.27 -9.15 -3.11
CA SER B 30 -5.65 -8.74 -1.76
C SER B 30 -4.93 -9.53 -0.68
N THR B 31 -4.43 -10.73 -0.99
CA THR B 31 -3.64 -11.49 -0.03
C THR B 31 -2.22 -10.94 0.08
N ILE B 32 -1.54 -10.77 -1.05
CA ILE B 32 -0.18 -10.25 -1.04
C ILE B 32 -0.11 -8.75 -0.84
N GLY B 33 -1.25 -8.05 -0.93
CA GLY B 33 -1.27 -6.63 -0.68
C GLY B 33 -1.22 -6.32 0.80
N ILE B 34 -1.87 -7.17 1.61
CA ILE B 34 -1.84 -7.00 3.06
C ILE B 34 -0.69 -7.78 3.70
N ALA B 35 -0.07 -8.70 2.96
CA ALA B 35 1.08 -9.44 3.48
C ALA B 35 2.39 -8.67 3.37
N LEU B 36 2.40 -7.55 2.63
CA LEU B 36 3.60 -6.74 2.50
C LEU B 36 3.83 -5.84 3.70
N GLY B 37 2.83 -5.64 4.54
CA GLY B 37 3.00 -4.83 5.73
C GLY B 37 3.10 -5.66 6.99
N VAL B 38 3.03 -6.99 6.84
CA VAL B 38 3.13 -7.93 7.95
C VAL B 38 4.43 -8.72 7.87
N ALA B 39 4.77 -9.24 6.68
CA ALA B 39 5.97 -10.06 6.55
C ALA B 39 7.24 -9.21 6.62
N VAL B 40 7.22 -7.99 6.09
CA VAL B 40 8.38 -7.13 6.18
C VAL B 40 8.52 -6.55 7.59
N LEU B 41 7.39 -6.35 8.29
CA LEU B 41 7.45 -5.86 9.66
C LEU B 41 7.97 -6.93 10.62
N ILE B 42 7.82 -8.20 10.28
CA ILE B 42 8.37 -9.27 11.11
C ILE B 42 9.90 -9.28 11.00
N VAL B 43 10.42 -9.22 9.77
CA VAL B 43 11.87 -9.18 9.58
C VAL B 43 12.43 -7.82 9.96
N GLY B 44 11.66 -6.74 9.75
CA GLY B 44 12.14 -5.41 10.08
C GLY B 44 12.23 -5.12 11.56
N LEU B 45 11.43 -5.81 12.38
CA LEU B 45 11.49 -5.62 13.83
C LEU B 45 12.42 -6.61 14.51
N SER B 46 12.56 -7.82 13.96
CA SER B 46 13.47 -8.80 14.52
C SER B 46 14.93 -8.49 14.19
N ALA B 47 15.18 -7.73 13.13
CA ALA B 47 16.56 -7.33 12.83
C ALA B 47 17.05 -6.27 13.80
N MET B 48 16.16 -5.40 14.29
CA MET B 48 16.54 -4.43 15.31
C MET B 48 16.73 -5.09 16.66
N ASN B 49 16.06 -6.22 16.90
CA ASN B 49 16.32 -7.00 18.10
C ASN B 49 17.65 -7.73 18.02
N GLY B 50 18.10 -8.05 16.80
CA GLY B 50 19.41 -8.65 16.64
C GLY B 50 20.54 -7.65 16.83
N PHE B 51 20.27 -6.36 16.54
CA PHE B 51 21.27 -5.33 16.80
C PHE B 51 21.42 -5.06 18.29
N GLU B 52 20.34 -5.22 19.05
CA GLU B 52 20.41 -5.05 20.50
C GLU B 52 21.08 -6.25 21.17
N ARG B 53 21.01 -7.42 20.55
CA ARG B 53 21.68 -8.60 21.10
C ARG B 53 23.19 -8.50 20.92
N GLU B 54 23.64 -8.03 19.76
CA GLU B 54 25.06 -7.81 19.51
C GLU B 54 25.61 -6.57 20.18
N LEU B 55 24.74 -5.68 20.66
CA LEU B 55 25.21 -4.48 21.35
C LEU B 55 25.72 -4.82 22.75
N ASN B 56 25.03 -5.72 23.45
CA ASN B 56 25.45 -6.12 24.79
C ASN B 56 26.52 -7.19 24.78
N ASN B 57 26.84 -7.77 23.62
CA ASN B 57 27.82 -8.84 23.52
C ASN B 57 29.13 -8.41 22.87
N ARG B 58 29.08 -7.50 21.89
CA ARG B 58 30.28 -7.09 21.17
C ARG B 58 30.76 -5.69 21.53
N ILE B 59 29.91 -4.84 22.12
CA ILE B 59 30.26 -3.47 22.43
C ILE B 59 30.20 -3.19 23.94
N LEU B 60 29.06 -3.49 24.56
CA LEU B 60 28.87 -3.19 25.97
C LEU B 60 29.65 -4.12 26.91
N ALA B 61 30.15 -5.24 26.40
CA ALA B 61 30.84 -6.22 27.23
C ALA B 61 32.36 -6.14 27.11
N VAL B 62 32.89 -5.12 26.44
CA VAL B 62 34.34 -4.99 26.30
C VAL B 62 34.87 -3.63 26.73
N VAL B 63 34.07 -2.57 26.77
CA VAL B 63 34.54 -1.25 27.17
C VAL B 63 34.14 -1.01 28.63
N PRO B 64 35.02 -0.47 29.46
CA PRO B 64 34.61 -0.08 30.82
C PRO B 64 33.68 1.13 30.78
N HIS B 65 32.62 1.06 31.57
CA HIS B 65 31.61 2.12 31.57
C HIS B 65 32.11 3.36 32.32
N GLY B 66 32.40 3.21 33.61
CA GLY B 66 32.85 4.32 34.42
C GLY B 66 34.37 4.40 34.45
N GLU B 67 34.89 5.60 34.20
CA GLU B 67 36.33 5.84 34.22
C GLU B 67 36.60 7.15 34.93
N ILE B 68 37.54 7.14 35.88
CA ILE B 68 37.94 8.33 36.61
C ILE B 68 39.43 8.55 36.38
N GLU B 69 39.81 9.82 36.19
CA GLU B 69 41.19 10.20 35.97
C GLU B 69 41.50 11.46 36.77
N ALA B 70 42.76 11.60 37.17
CA ALA B 70 43.19 12.79 37.89
C ALA B 70 43.35 13.97 36.94
N VAL B 71 43.57 15.16 37.53
CA VAL B 71 43.69 16.39 36.73
C VAL B 71 45.16 16.53 36.35
N ASP B 72 45.55 15.79 35.29
CA ASP B 72 46.90 15.77 34.70
C ASP B 72 47.98 15.39 35.73
N GLN B 73 47.63 14.50 36.65
CA GLN B 73 48.54 14.05 37.69
C GLN B 73 48.57 12.53 37.74
N PRO B 74 49.72 11.94 38.07
CA PRO B 74 49.76 10.49 38.31
C PRO B 74 49.07 10.14 39.62
N TRP B 75 48.38 9.00 39.62
CA TRP B 75 47.65 8.55 40.81
C TRP B 75 48.66 8.02 41.83
N THR B 76 48.94 8.83 42.84
CA THR B 76 49.86 8.43 43.89
C THR B 76 49.15 7.60 44.96
N ASN B 77 48.00 8.08 45.42
CA ASN B 77 47.20 7.38 46.43
C ASN B 77 46.15 6.47 45.81
N TRP B 78 46.58 5.63 44.88
CA TRP B 78 45.67 4.72 44.20
C TRP B 78 45.53 3.37 44.89
N GLN B 79 46.29 3.14 45.96
CA GLN B 79 46.14 1.89 46.72
C GLN B 79 44.97 1.97 47.68
N GLU B 80 44.83 3.07 48.41
CA GLU B 80 43.73 3.27 49.34
C GLU B 80 42.51 3.91 48.69
N ALA B 81 42.49 4.03 47.36
CA ALA B 81 41.34 4.55 46.63
C ALA B 81 40.54 3.44 45.96
N LEU B 82 40.88 2.17 46.19
CA LEU B 82 40.17 1.06 45.59
C LEU B 82 39.09 0.49 46.49
N ASP B 83 39.27 0.59 47.81
CA ASP B 83 38.25 0.09 48.73
C ASP B 83 37.02 0.99 48.78
N HIS B 84 37.18 2.28 48.47
CA HIS B 84 36.04 3.19 48.45
C HIS B 84 35.18 3.00 47.22
N VAL B 85 35.67 2.31 46.20
CA VAL B 85 34.89 2.00 45.01
C VAL B 85 34.25 0.63 45.11
N GLN B 86 34.98 -0.35 45.67
CA GLN B 86 34.50 -1.73 45.68
C GLN B 86 33.35 -1.95 46.66
N LYS B 87 33.36 -1.27 47.80
CA LYS B 87 32.27 -1.38 48.77
C LYS B 87 31.19 -0.32 48.52
N VAL B 88 30.66 -0.35 47.30
CA VAL B 88 29.56 0.52 46.88
C VAL B 88 28.43 -0.37 46.40
N PRO B 89 27.18 -0.15 46.84
CA PRO B 89 26.06 -0.99 46.39
C PRO B 89 25.68 -0.73 44.94
N GLY B 90 26.38 -1.39 44.03
CA GLY B 90 26.18 -1.18 42.60
C GLY B 90 27.45 -1.32 41.79
N ILE B 91 28.58 -1.44 42.47
CA ILE B 91 29.88 -1.65 41.83
C ILE B 91 30.29 -3.10 42.06
N ALA B 92 30.53 -3.82 40.96
CA ALA B 92 30.88 -5.24 41.05
C ALA B 92 32.40 -5.43 41.13
N ALA B 93 33.14 -4.93 40.15
CA ALA B 93 34.58 -5.10 40.09
C ALA B 93 35.22 -3.78 39.67
N ALA B 94 36.54 -3.72 39.83
CA ALA B 94 37.31 -2.54 39.47
C ALA B 94 38.73 -2.97 39.11
N ALA B 95 39.33 -2.25 38.17
CA ALA B 95 40.68 -2.55 37.71
C ALA B 95 41.34 -1.29 37.19
N PRO B 96 42.61 -1.06 37.50
CA PRO B 96 43.30 0.13 37.00
C PRO B 96 43.71 -0.02 35.55
N TYR B 97 43.93 1.13 34.91
CA TYR B 97 44.35 1.16 33.51
C TYR B 97 45.15 2.44 33.26
N ILE B 98 46.13 2.34 32.37
CA ILE B 98 46.98 3.47 32.00
C ILE B 98 46.85 3.63 30.49
N ASN B 99 46.14 4.66 30.05
CA ASN B 99 45.95 4.91 28.63
C ASN B 99 47.16 5.61 28.04
N PHE B 100 47.40 5.35 26.75
CA PHE B 100 48.50 5.95 26.01
C PHE B 100 47.99 6.45 24.66
N THR B 101 48.84 7.21 23.97
CA THR B 101 48.56 7.73 22.64
C THR B 101 49.82 7.55 21.80
N GLY B 102 49.93 6.41 21.14
CA GLY B 102 51.08 6.10 20.32
C GLY B 102 50.68 5.64 18.93
N LEU B 103 51.61 5.82 18.00
CA LEU B 103 51.41 5.45 16.61
C LEU B 103 52.30 4.25 16.27
N VAL B 104 52.05 3.68 15.08
CA VAL B 104 52.77 2.52 14.60
C VAL B 104 53.44 2.89 13.28
N GLU B 105 54.76 2.80 13.25
CA GLU B 105 55.56 3.08 12.05
C GLU B 105 56.31 1.80 11.69
N SER B 106 55.67 0.94 10.90
CA SER B 106 56.22 -0.34 10.47
C SER B 106 56.01 -0.52 8.97
N GLY B 107 56.42 0.48 8.19
CA GLY B 107 56.23 0.44 6.76
C GLY B 107 55.53 1.68 6.23
N ALA B 108 55.55 2.74 7.03
CA ALA B 108 54.95 4.05 6.73
C ALA B 108 53.44 3.92 6.43
N ASN B 109 52.71 3.46 7.45
CA ASN B 109 51.27 3.31 7.37
C ASN B 109 50.60 4.24 8.38
N LEU B 110 49.46 4.80 8.00
CA LEU B 110 48.73 5.73 8.84
C LEU B 110 47.76 4.95 9.72
N ARG B 111 48.11 4.82 11.00
CA ARG B 111 47.25 4.11 11.96
C ARG B 111 47.51 4.67 13.34
N ALA B 112 46.47 5.17 14.00
CA ALA B 112 46.56 5.72 15.34
C ALA B 112 45.77 4.82 16.28
N ILE B 113 46.47 4.13 17.17
CA ILE B 113 45.86 3.21 18.11
C ILE B 113 45.88 3.83 19.49
N GLN B 114 45.08 3.27 20.40
CA GLN B 114 44.99 3.72 21.79
C GLN B 114 45.41 2.58 22.69
N VAL B 115 46.66 2.61 23.14
CA VAL B 115 47.20 1.56 24.00
C VAL B 115 46.80 1.83 25.43
N LYS B 116 46.24 0.81 26.10
CA LYS B 116 45.81 0.91 27.48
C LYS B 116 46.58 -0.09 28.34
N GLY B 117 46.92 0.32 29.56
CA GLY B 117 47.64 -0.54 30.47
C GLY B 117 46.73 -1.37 31.35
N VAL B 118 46.04 -2.34 30.76
CA VAL B 118 45.11 -3.16 31.51
C VAL B 118 45.88 -4.28 32.21
N ASN B 119 45.27 -4.83 33.27
CA ASN B 119 45.86 -5.95 34.01
C ASN B 119 45.33 -7.26 33.43
N PRO B 120 46.21 -8.17 32.98
CA PRO B 120 45.71 -9.43 32.42
C PRO B 120 45.12 -10.38 33.45
N GLN B 121 45.47 -10.23 34.73
CA GLN B 121 44.93 -11.08 35.77
C GLN B 121 43.60 -10.58 36.32
N GLN B 122 43.27 -9.31 36.11
CA GLN B 122 42.04 -8.72 36.62
C GLN B 122 41.07 -8.33 35.51
N GLU B 123 41.38 -8.68 34.26
CA GLU B 123 40.48 -8.35 33.15
C GLU B 123 39.34 -9.33 32.98
N GLN B 124 39.34 -10.44 33.72
CA GLN B 124 38.27 -11.43 33.65
C GLN B 124 37.19 -11.20 34.70
N ARG B 125 37.33 -10.18 35.55
CA ARG B 125 36.39 -9.95 36.63
C ARG B 125 35.37 -8.85 36.32
N LEU B 126 35.65 -7.97 35.35
CA LEU B 126 34.74 -6.88 35.02
C LEU B 126 34.14 -6.98 33.64
N SER B 127 34.83 -7.60 32.69
CA SER B 127 34.35 -7.73 31.31
C SER B 127 35.07 -8.91 30.67
N ALA B 128 34.97 -9.01 29.35
CA ALA B 128 35.56 -10.11 28.59
C ALA B 128 36.47 -9.53 27.50
N LEU B 129 37.73 -9.29 27.86
CA LEU B 129 38.73 -8.86 26.88
C LEU B 129 39.20 -9.99 25.96
N PRO B 130 39.77 -11.15 26.46
CA PRO B 130 40.39 -12.07 25.49
C PRO B 130 39.42 -13.07 24.90
N SER B 131 38.12 -12.82 25.01
CA SER B 131 37.09 -13.75 24.53
C SER B 131 36.93 -13.74 23.02
N PHE B 132 37.63 -12.86 22.30
CA PHE B 132 37.53 -12.77 20.84
C PHE B 132 38.91 -12.81 20.20
N VAL B 133 39.76 -13.72 20.68
CA VAL B 133 41.11 -13.90 20.16
C VAL B 133 41.16 -15.22 19.41
N GLN B 134 41.75 -15.21 18.21
CA GLN B 134 41.81 -16.40 17.37
C GLN B 134 42.81 -17.44 17.87
N GLY B 135 43.66 -17.09 18.83
CA GLY B 135 44.60 -18.04 19.37
C GLY B 135 43.92 -19.08 20.26
N ASP B 136 44.68 -20.15 20.54
CA ASP B 136 44.14 -21.24 21.36
C ASP B 136 44.07 -20.86 22.83
N ALA B 137 44.90 -19.93 23.27
CA ALA B 137 44.92 -19.53 24.67
C ALA B 137 45.33 -18.07 24.77
N TRP B 138 45.15 -17.50 25.97
CA TRP B 138 45.50 -16.11 26.24
C TRP B 138 46.41 -15.96 27.44
N ARG B 139 46.94 -17.06 27.99
CA ARG B 139 47.73 -17.04 29.20
C ARG B 139 49.21 -16.76 28.95
N ASN B 140 49.55 -16.17 27.80
CA ASN B 140 50.92 -15.79 27.49
C ASN B 140 51.26 -14.38 27.95
N PHE B 141 50.38 -13.74 28.72
CA PHE B 141 50.61 -12.38 29.18
C PHE B 141 51.23 -12.39 30.58
N LYS B 142 52.49 -12.81 30.61
CA LYS B 142 53.27 -12.85 31.84
C LYS B 142 53.97 -11.50 32.05
N ALA B 143 54.94 -11.47 32.96
CA ALA B 143 55.74 -10.28 33.22
C ALA B 143 57.17 -10.54 32.77
N GLY B 144 57.59 -9.85 31.71
CA GLY B 144 58.96 -9.98 31.24
C GLY B 144 59.12 -10.55 29.84
N GLU B 145 58.15 -10.30 28.96
CA GLU B 145 58.24 -10.74 27.58
C GLU B 145 57.95 -9.64 26.57
N GLN B 146 57.64 -8.42 27.04
CA GLN B 146 57.26 -7.22 26.26
C GLN B 146 56.33 -7.54 25.08
N GLN B 147 55.22 -8.19 25.40
CA GLN B 147 54.23 -8.55 24.38
C GLN B 147 53.13 -7.51 24.30
N ILE B 148 52.49 -7.44 23.13
CA ILE B 148 51.38 -6.53 22.87
C ILE B 148 50.46 -7.17 21.84
N ILE B 149 49.16 -7.12 22.11
CA ILE B 149 48.15 -7.70 21.22
C ILE B 149 47.36 -6.55 20.58
N ILE B 150 47.16 -6.63 19.27
CA ILE B 150 46.43 -5.60 18.54
C ILE B 150 45.15 -6.19 17.96
N GLY B 151 44.36 -5.36 17.30
CA GLY B 151 43.10 -5.78 16.72
C GLY B 151 43.24 -6.25 15.29
N LYS B 152 42.09 -6.36 14.62
CA LYS B 152 42.06 -6.80 13.23
C LYS B 152 42.29 -5.66 12.25
N GLY B 153 41.73 -4.48 12.52
CA GLY B 153 41.90 -3.34 11.64
C GLY B 153 43.30 -2.77 11.62
N VAL B 154 44.08 -3.03 12.67
CA VAL B 154 45.48 -2.62 12.67
C VAL B 154 46.29 -3.52 11.74
N ALA B 155 45.99 -4.82 11.74
CA ALA B 155 46.73 -5.77 10.92
C ALA B 155 46.41 -5.67 9.44
N ASP B 156 45.25 -5.10 9.08
CA ASP B 156 44.92 -4.96 7.67
C ASP B 156 45.71 -3.83 7.00
N ALA B 157 46.14 -2.84 7.78
CA ALA B 157 46.96 -1.76 7.25
C ALA B 157 48.46 -1.98 7.47
N LEU B 158 48.82 -2.72 8.52
CA LEU B 158 50.23 -3.02 8.78
C LEU B 158 50.77 -4.12 7.87
N LYS B 159 49.88 -4.93 7.28
CA LYS B 159 50.24 -6.09 6.44
C LYS B 159 51.17 -7.06 7.17
N VAL B 160 50.84 -7.33 8.44
CA VAL B 160 51.65 -8.19 9.29
C VAL B 160 50.83 -9.42 9.65
N LYS B 161 51.51 -10.40 10.24
CA LYS B 161 50.88 -11.62 10.72
C LYS B 161 51.17 -11.81 12.21
N GLN B 162 50.91 -13.00 12.74
CA GLN B 162 51.19 -13.29 14.13
C GLN B 162 52.62 -13.83 14.26
N GLY B 163 53.46 -13.10 15.00
CA GLY B 163 54.80 -13.56 15.27
C GLY B 163 55.92 -12.81 14.57
N ASP B 164 55.77 -11.50 14.40
CA ASP B 164 56.82 -10.68 13.82
C ASP B 164 56.97 -9.40 14.65
N TRP B 165 58.19 -8.86 14.63
CA TRP B 165 58.52 -7.68 15.43
C TRP B 165 58.01 -6.43 14.72
N VAL B 166 56.98 -5.80 15.27
CA VAL B 166 56.46 -4.55 14.75
C VAL B 166 57.02 -3.41 15.60
N SER B 167 56.98 -2.20 15.05
CA SER B 167 57.55 -1.03 15.69
C SER B 167 56.44 -0.04 16.03
N ILE B 168 56.39 0.38 17.29
CA ILE B 168 55.41 1.36 17.74
C ILE B 168 56.14 2.63 18.16
N MET B 169 55.38 3.66 18.53
CA MET B 169 55.94 4.94 18.94
C MET B 169 55.56 5.19 20.39
N ILE B 170 56.56 5.20 21.27
CA ILE B 170 56.33 5.48 22.69
C ILE B 170 56.29 6.99 22.90
N PRO B 171 55.28 7.51 23.59
CA PRO B 171 55.25 8.94 23.89
C PRO B 171 56.37 9.33 24.86
N ASN B 172 56.76 10.60 24.79
CA ASN B 172 57.87 11.10 25.59
C ASN B 172 57.43 11.27 27.05
N SER B 173 58.03 10.48 27.94
CA SER B 173 57.72 10.53 29.36
C SER B 173 58.74 11.44 30.07
N ASN B 174 58.63 12.72 29.77
CA ASN B 174 59.52 13.71 30.38
C ASN B 174 58.92 14.21 31.69
N PRO B 175 59.76 14.47 32.71
CA PRO B 175 59.24 15.02 33.97
C PRO B 175 58.71 16.44 33.81
N GLU B 176 59.50 17.31 33.19
CA GLU B 176 59.10 18.67 32.90
C GLU B 176 58.90 18.85 31.40
N HIS B 177 58.32 20.00 31.03
CA HIS B 177 57.91 20.26 29.66
C HIS B 177 59.14 20.58 28.82
N LYS B 178 59.60 19.62 28.02
CA LYS B 178 60.71 19.82 27.11
C LYS B 178 60.56 18.85 25.95
N LEU B 179 61.16 19.22 24.81
CA LEU B 179 61.07 18.43 23.60
C LEU B 179 62.37 17.65 23.40
N MET B 180 62.24 16.35 23.13
CA MET B 180 63.40 15.50 22.89
C MET B 180 63.14 14.55 21.73
N GLN B 181 64.02 13.56 21.55
CA GLN B 181 63.86 12.62 20.45
C GLN B 181 62.71 11.66 20.75
N PRO B 182 61.96 11.23 19.73
CA PRO B 182 60.86 10.29 19.98
C PRO B 182 61.37 8.89 20.29
N LYS B 183 60.73 8.26 21.27
CA LYS B 183 61.10 6.92 21.70
C LYS B 183 60.39 5.87 20.88
N ARG B 184 61.12 4.84 20.48
CA ARG B 184 60.57 3.75 19.69
C ARG B 184 61.18 2.43 20.16
N VAL B 185 60.44 1.34 19.94
CA VAL B 185 60.87 0.01 20.32
C VAL B 185 60.21 -0.99 19.39
N ARG B 186 60.84 -2.15 19.24
CA ARG B 186 60.33 -3.22 18.38
C ARG B 186 59.78 -4.34 19.26
N LEU B 187 58.48 -4.61 19.13
CA LEU B 187 57.82 -5.65 19.90
C LEU B 187 57.12 -6.62 18.95
N HIS B 188 57.01 -7.87 19.38
CA HIS B 188 56.32 -8.89 18.61
C HIS B 188 54.87 -9.01 19.07
N VAL B 189 53.97 -9.23 18.11
CA VAL B 189 52.53 -9.29 18.39
C VAL B 189 52.14 -10.71 18.77
N ALA B 190 51.36 -10.84 19.84
CA ALA B 190 50.86 -12.13 20.30
C ALA B 190 49.40 -12.30 19.90
N GLY B 191 49.21 -12.55 18.60
CA GLY B 191 47.88 -12.80 18.07
C GLY B 191 47.09 -11.53 17.83
N ILE B 192 45.99 -11.68 17.09
CA ILE B 192 45.10 -10.57 16.76
C ILE B 192 43.73 -10.83 17.38
N LEU B 193 42.82 -9.87 17.22
CA LEU B 193 41.47 -10.00 17.75
C LEU B 193 40.52 -9.27 16.82
N GLN B 194 39.29 -9.80 16.72
CA GLN B 194 38.26 -9.18 15.88
C GLN B 194 36.91 -9.36 16.54
N LEU B 195 36.16 -8.25 16.65
CA LEU B 195 34.81 -8.28 17.19
C LEU B 195 33.77 -7.91 16.13
N SER B 196 33.87 -6.73 15.55
CA SER B 196 32.96 -6.30 14.51
C SER B 196 33.61 -5.63 13.31
N GLY B 197 34.82 -5.08 13.46
CA GLY B 197 35.48 -4.33 12.40
C GLY B 197 35.55 -2.84 12.68
N GLN B 198 34.77 -2.34 13.64
CA GLN B 198 34.78 -0.93 13.99
C GLN B 198 35.78 -0.63 15.10
N LEU B 199 35.75 -1.42 16.19
CA LEU B 199 36.69 -1.28 17.29
C LEU B 199 37.92 -2.16 17.14
N ASP B 200 38.29 -2.51 15.90
CA ASP B 200 39.43 -3.38 15.65
C ASP B 200 40.65 -2.65 15.11
N HIS B 201 40.52 -1.36 14.77
CA HIS B 201 41.62 -0.60 14.22
C HIS B 201 42.22 0.41 15.20
N SER B 202 41.57 0.66 16.32
CA SER B 202 42.04 1.60 17.33
C SER B 202 41.94 0.99 18.71
N PHE B 203 42.39 -0.25 18.86
CA PHE B 203 42.34 -0.96 20.13
C PHE B 203 43.62 -1.77 20.32
N ALA B 204 44.33 -1.50 21.41
CA ALA B 204 45.53 -2.24 21.76
C ALA B 204 45.70 -2.18 23.27
N MET B 205 46.32 -3.21 23.84
CA MET B 205 46.50 -3.27 25.28
C MET B 205 47.88 -3.83 25.61
N ILE B 206 48.34 -3.49 26.82
CA ILE B 206 49.62 -3.98 27.34
C ILE B 206 49.45 -4.38 28.80
N PRO B 207 50.25 -5.33 29.25
CA PRO B 207 50.24 -5.67 30.69
C PRO B 207 50.78 -4.54 31.54
N LEU B 208 50.34 -4.52 32.80
CA LEU B 208 50.69 -3.44 33.71
C LEU B 208 52.15 -3.54 34.16
N ALA B 209 52.72 -4.75 34.17
CA ALA B 209 54.12 -4.89 34.57
C ALA B 209 55.07 -4.40 33.49
N ASP B 210 54.62 -4.38 32.23
CA ASP B 210 55.44 -3.89 31.13
C ASP B 210 55.22 -2.42 30.83
N ALA B 211 54.17 -1.80 31.40
CA ALA B 211 53.90 -0.40 31.12
C ALA B 211 54.70 0.53 32.02
N GLN B 212 55.11 0.07 33.21
CA GLN B 212 55.87 0.91 34.12
C GLN B 212 57.33 1.02 33.69
N GLN B 213 57.86 0.01 32.99
CA GLN B 213 59.24 0.07 32.53
C GLN B 213 59.43 0.98 31.33
N TYR B 214 58.36 1.28 30.60
CA TYR B 214 58.45 2.19 29.46
C TYR B 214 58.33 3.65 29.85
N LEU B 215 57.92 3.95 31.08
CA LEU B 215 57.73 5.31 31.54
C LEU B 215 58.65 5.69 32.70
N ASP B 216 59.53 4.77 33.14
CA ASP B 216 60.48 4.96 34.25
C ASP B 216 59.76 5.36 35.55
N MET B 217 58.65 4.69 35.83
CA MET B 217 57.84 4.95 37.01
C MET B 217 57.78 3.69 37.88
N GLY B 218 57.31 3.87 39.11
CA GLY B 218 57.19 2.77 40.04
C GLY B 218 55.81 2.14 40.04
N SER B 219 55.09 2.28 41.14
CA SER B 219 53.73 1.75 41.26
C SER B 219 52.77 2.94 41.23
N SER B 220 52.37 3.32 40.01
CA SER B 220 51.47 4.45 39.81
C SER B 220 50.67 4.23 38.54
N VAL B 221 49.38 4.57 38.58
CA VAL B 221 48.49 4.44 37.44
C VAL B 221 47.96 5.81 37.05
N SER B 222 47.12 5.84 36.01
CA SER B 222 46.52 7.09 35.56
C SER B 222 45.00 7.00 35.41
N GLY B 223 44.39 5.87 35.74
CA GLY B 223 42.96 5.72 35.60
C GLY B 223 42.41 4.50 36.31
N ILE B 224 41.19 4.60 36.84
CA ILE B 224 40.54 3.51 37.55
C ILE B 224 39.22 3.21 36.86
N ALA B 225 39.06 1.98 36.40
CA ALA B 225 37.81 1.54 35.77
C ALA B 225 36.92 0.86 36.80
N LEU B 226 35.69 0.55 36.38
CA LEU B 226 34.72 -0.09 37.25
C LEU B 226 33.74 -0.88 36.39
N LYS B 227 32.82 -1.58 37.07
CA LYS B 227 31.79 -2.38 36.41
C LYS B 227 30.48 -2.21 37.17
N MET B 228 29.40 -1.96 36.44
CA MET B 228 28.09 -1.75 37.03
C MET B 228 27.20 -2.97 36.82
N THR B 229 26.24 -3.15 37.73
CA THR B 229 25.25 -4.21 37.57
C THR B 229 24.21 -3.82 36.53
N ASP B 230 23.59 -2.66 36.71
CA ASP B 230 22.68 -2.09 35.72
C ASP B 230 23.42 -1.02 34.93
N VAL B 231 23.20 -1.00 33.61
CA VAL B 231 23.98 -0.15 32.73
C VAL B 231 23.28 1.19 32.46
N PHE B 232 21.94 1.20 32.49
CA PHE B 232 21.18 2.39 32.10
C PHE B 232 21.32 3.53 33.10
N ASN B 233 21.55 3.22 34.37
CA ASN B 233 21.72 4.25 35.39
C ASN B 233 23.21 4.55 35.62
N ALA B 234 23.88 4.93 34.54
CA ALA B 234 25.32 5.18 34.56
C ALA B 234 25.65 6.65 34.82
N ASN B 235 24.70 7.43 35.34
CA ASN B 235 24.92 8.85 35.59
C ASN B 235 24.59 9.24 37.03
N LYS B 236 24.42 8.26 37.92
CA LYS B 236 24.12 8.54 39.32
C LYS B 236 24.96 7.77 40.32
N LEU B 237 25.60 6.65 39.93
CA LEU B 237 26.48 5.92 40.82
C LEU B 237 27.94 6.29 40.66
N VAL B 238 28.29 7.04 39.61
CA VAL B 238 29.66 7.48 39.40
C VAL B 238 29.90 8.90 39.88
N ARG B 239 28.86 9.59 40.34
CA ARG B 239 29.02 10.96 40.84
C ARG B 239 29.49 10.96 42.29
N ASP B 240 28.87 10.14 43.13
CA ASP B 240 29.23 10.06 44.54
C ASP B 240 30.51 9.27 44.80
N ALA B 241 31.02 8.54 43.80
CA ALA B 241 32.25 7.77 43.94
C ALA B 241 33.48 8.54 43.48
N GLY B 242 33.41 9.86 43.40
CA GLY B 242 34.52 10.67 42.96
C GLY B 242 35.10 11.54 44.05
N GLU B 243 34.29 11.90 45.04
CA GLU B 243 34.71 12.74 46.14
C GLU B 243 35.31 11.96 47.30
N VAL B 244 35.50 10.64 47.14
CA VAL B 244 36.10 9.83 48.21
C VAL B 244 37.60 9.95 48.26
N THR B 245 38.23 10.49 47.22
CA THR B 245 39.69 10.67 47.17
C THR B 245 40.10 12.13 47.27
N ASN B 246 39.46 13.02 46.53
CA ASN B 246 39.81 14.43 46.52
C ASN B 246 38.54 15.23 46.23
N SER B 247 38.72 16.49 45.83
CA SER B 247 37.58 17.37 45.59
C SER B 247 36.86 16.99 44.29
N TYR B 248 37.57 17.03 43.17
CA TYR B 248 36.96 16.77 41.87
C TYR B 248 37.97 16.11 40.95
N VAL B 249 37.50 15.15 40.15
CA VAL B 249 38.31 14.45 39.17
C VAL B 249 37.60 14.49 37.83
N TYR B 250 38.29 14.01 36.80
CA TYR B 250 37.74 13.93 35.45
C TYR B 250 36.78 12.74 35.39
N ILE B 251 35.49 13.01 35.36
CA ILE B 251 34.46 11.98 35.37
C ILE B 251 33.89 11.82 33.96
N LYS B 252 33.80 10.59 33.49
CA LYS B 252 33.26 10.31 32.17
C LYS B 252 32.47 9.00 32.23
N SER B 253 31.77 8.71 31.14
CA SER B 253 30.96 7.50 31.03
C SER B 253 30.89 7.09 29.57
N TRP B 254 30.07 6.09 29.28
CA TRP B 254 29.89 5.59 27.92
C TRP B 254 28.81 6.33 27.15
N ILE B 255 28.16 7.32 27.77
CA ILE B 255 27.09 8.05 27.09
C ILE B 255 27.67 9.00 26.05
N GLY B 256 28.80 9.62 26.37
CA GLY B 256 29.44 10.55 25.43
C GLY B 256 30.14 9.89 24.26
N THR B 257 30.39 8.58 24.34
CA THR B 257 31.08 7.86 23.27
C THR B 257 30.21 6.84 22.58
N TYR B 258 29.59 5.93 23.32
CA TYR B 258 28.75 4.88 22.75
C TYR B 258 27.29 5.00 23.19
N GLY B 259 26.87 6.17 23.65
CA GLY B 259 25.50 6.36 24.09
C GLY B 259 24.51 6.66 22.98
N TYR B 260 25.00 6.93 21.77
CA TYR B 260 24.13 7.22 20.64
C TYR B 260 23.58 5.97 19.97
N MET B 261 24.06 4.78 20.35
CA MET B 261 23.58 3.56 19.74
C MET B 261 22.23 3.13 20.31
N TYR B 262 21.99 3.38 21.59
CA TYR B 262 20.68 3.06 22.18
C TYR B 262 19.60 4.03 21.74
N ARG B 263 19.97 5.26 21.42
CA ARG B 263 18.99 6.23 20.92
C ARG B 263 18.61 5.94 19.49
N ASP B 264 19.58 5.55 18.65
CA ASP B 264 19.30 5.26 17.26
C ASP B 264 18.63 3.91 17.05
N ILE B 265 18.74 3.00 18.01
CA ILE B 265 18.05 1.71 17.88
C ILE B 265 16.59 1.82 18.28
N GLN B 266 16.20 2.88 18.97
CA GLN B 266 14.80 3.13 19.33
C GLN B 266 14.13 4.11 18.38
N MET B 267 14.90 4.83 17.56
CA MET B 267 14.30 5.77 16.62
C MET B 267 13.72 5.05 15.41
N ILE B 268 14.34 3.96 14.97
CA ILE B 268 13.80 3.19 13.86
C ILE B 268 12.55 2.43 14.28
N ARG B 269 12.46 2.04 15.56
CA ARG B 269 11.25 1.40 16.05
C ARG B 269 10.10 2.40 16.17
N ALA B 270 10.42 3.68 16.31
CA ALA B 270 9.41 4.74 16.31
C ALA B 270 9.21 5.35 14.94
N ILE B 271 9.79 4.75 13.89
CA ILE B 271 9.62 5.20 12.52
C ILE B 271 9.04 4.09 11.64
N MET B 272 9.63 2.89 11.73
CA MET B 272 9.16 1.75 10.94
C MET B 272 7.81 1.23 11.41
N TYR B 273 7.40 1.53 12.64
CA TYR B 273 6.10 1.09 13.13
C TYR B 273 4.98 1.88 12.47
N LEU B 274 5.07 3.21 12.51
CA LEU B 274 4.02 4.04 11.91
C LEU B 274 4.09 4.04 10.38
N ALA B 275 5.26 3.75 9.80
CA ALA B 275 5.35 3.62 8.36
C ALA B 275 4.69 2.35 7.85
N MET B 276 4.57 1.33 8.69
CA MET B 276 3.90 0.09 8.31
C MET B 276 2.40 0.13 8.56
N VAL B 277 1.91 1.08 9.39
CA VAL B 277 0.49 1.30 9.49
C VAL B 277 -0.05 1.88 8.19
N LEU B 278 0.75 2.73 7.53
CA LEU B 278 0.37 3.27 6.23
C LEU B 278 0.44 2.24 5.11
N VAL B 279 1.10 1.09 5.32
CA VAL B 279 1.09 0.03 4.33
C VAL B 279 -0.16 -0.80 4.44
N ILE B 280 -0.52 -1.22 5.66
CA ILE B 280 -1.74 -1.96 5.89
C ILE B 280 -2.96 -1.05 5.78
N GLY B 281 -2.79 0.27 5.98
CA GLY B 281 -3.91 1.18 5.87
C GLY B 281 -4.42 1.33 4.45
N VAL B 282 -3.51 1.34 3.47
CA VAL B 282 -3.93 1.28 2.08
C VAL B 282 -4.34 -0.14 1.72
N ALA B 283 -3.72 -1.15 2.35
CA ALA B 283 -4.13 -2.52 2.12
C ALA B 283 -5.49 -2.84 2.73
N CYS B 284 -5.93 -2.09 3.75
CA CYS B 284 -7.27 -2.24 4.26
C CYS B 284 -8.32 -1.60 3.36
N PHE B 285 -7.91 -0.71 2.45
CA PHE B 285 -8.82 -0.15 1.48
C PHE B 285 -9.16 -1.14 0.37
N ASN B 286 -8.32 -2.16 0.17
CA ASN B 286 -8.67 -3.26 -0.73
C ASN B 286 -9.82 -4.09 -0.17
N ILE B 287 -9.96 -4.13 1.16
CA ILE B 287 -11.09 -4.83 1.77
C ILE B 287 -12.37 -4.03 1.60
N VAL B 288 -12.28 -2.70 1.61
CA VAL B 288 -13.44 -1.85 1.40
C VAL B 288 -13.91 -1.92 -0.05
N SER B 289 -12.97 -2.07 -0.98
CA SER B 289 -13.32 -2.13 -2.40
C SER B 289 -14.02 -3.44 -2.76
N THR B 290 -13.83 -4.50 -1.99
CA THR B 290 -14.49 -5.77 -2.23
C THR B 290 -15.65 -6.03 -1.28
N LEU B 291 -15.95 -5.10 -0.38
CA LEU B 291 -17.08 -5.24 0.54
C LEU B 291 -18.31 -4.47 0.10
N VAL B 292 -18.13 -3.26 -0.44
CA VAL B 292 -19.26 -2.50 -0.98
C VAL B 292 -19.74 -3.16 -2.29
N MET B 293 -18.82 -3.77 -3.04
CA MET B 293 -19.22 -4.53 -4.22
C MET B 293 -19.96 -5.81 -3.83
N ALA B 294 -19.66 -6.37 -2.66
CA ALA B 294 -20.34 -7.57 -2.19
C ALA B 294 -21.70 -7.28 -1.57
N VAL B 295 -22.10 -6.02 -1.48
CA VAL B 295 -23.41 -5.64 -0.94
C VAL B 295 -24.42 -5.45 -2.06
N LYS B 296 -24.07 -4.64 -3.07
CA LYS B 296 -25.02 -4.37 -4.15
C LYS B 296 -25.16 -5.55 -5.10
N ASP B 297 -24.12 -6.38 -5.23
CA ASP B 297 -24.24 -7.59 -6.03
C ASP B 297 -25.02 -8.68 -5.30
N LYS B 298 -24.95 -8.70 -3.98
CA LYS B 298 -25.71 -9.64 -3.16
C LYS B 298 -26.88 -8.93 -2.47
N SER B 299 -27.49 -7.97 -3.16
CA SER B 299 -28.61 -7.24 -2.60
C SER B 299 -29.89 -8.06 -2.57
N GLY B 300 -29.99 -9.10 -3.40
CA GLY B 300 -31.12 -10.01 -3.37
C GLY B 300 -31.04 -11.09 -2.32
N ASP B 301 -30.02 -11.06 -1.46
CA ASP B 301 -29.85 -12.03 -0.39
C ASP B 301 -30.07 -11.44 0.99
N ILE B 302 -29.81 -10.15 1.18
CA ILE B 302 -30.02 -9.53 2.48
C ILE B 302 -31.51 -9.33 2.75
N ALA B 303 -32.31 -9.16 1.69
CA ALA B 303 -33.75 -9.01 1.86
C ALA B 303 -34.42 -10.33 2.24
N VAL B 304 -33.79 -11.47 1.92
CA VAL B 304 -34.36 -12.76 2.30
C VAL B 304 -34.21 -12.98 3.80
N LEU B 305 -33.06 -12.59 4.36
CA LEU B 305 -32.83 -12.77 5.79
C LEU B 305 -33.67 -11.83 6.64
N ARG B 306 -33.98 -10.64 6.12
CA ARG B 306 -34.80 -9.70 6.85
C ARG B 306 -36.26 -10.13 6.91
N THR B 307 -36.72 -10.95 5.96
CA THR B 307 -38.07 -11.49 6.01
C THR B 307 -38.20 -12.66 6.97
N LEU B 308 -37.08 -13.27 7.38
CA LEU B 308 -37.11 -14.40 8.29
C LEU B 308 -37.03 -13.98 9.76
N GLY B 309 -36.57 -12.77 10.05
CA GLY B 309 -36.53 -12.30 11.42
C GLY B 309 -35.18 -11.80 11.89
N ALA B 310 -34.29 -11.47 10.95
CA ALA B 310 -32.98 -10.94 11.31
C ALA B 310 -33.10 -9.48 11.71
N LYS B 311 -32.54 -9.14 12.87
CA LYS B 311 -32.58 -7.77 13.36
C LYS B 311 -31.46 -6.95 12.75
N ASP B 312 -31.37 -5.68 13.15
CA ASP B 312 -30.33 -4.81 12.63
C ASP B 312 -28.97 -5.12 13.24
N GLY B 313 -28.95 -5.70 14.43
CA GLY B 313 -27.69 -6.09 15.05
C GLY B 313 -27.07 -7.32 14.43
N LEU B 314 -27.87 -8.16 13.77
CA LEU B 314 -27.32 -9.35 13.11
C LEU B 314 -26.78 -9.02 11.73
N ILE B 315 -27.51 -8.20 10.96
CA ILE B 315 -27.11 -7.85 9.60
C ILE B 315 -25.85 -6.97 9.61
N ARG B 316 -25.71 -6.11 10.62
CA ARG B 316 -24.51 -5.29 10.75
C ARG B 316 -23.28 -6.13 11.10
N ALA B 317 -23.49 -7.27 11.77
CA ALA B 317 -22.40 -8.17 12.12
C ALA B 317 -22.11 -9.21 11.04
N ILE B 318 -22.78 -9.12 9.89
CA ILE B 318 -22.52 -10.07 8.81
C ILE B 318 -21.22 -9.72 8.08
N PHE B 319 -21.10 -8.49 7.62
CA PHE B 319 -20.00 -8.09 6.76
C PHE B 319 -18.77 -7.60 7.53
N VAL B 320 -18.83 -7.56 8.85
CA VAL B 320 -17.63 -7.25 9.63
C VAL B 320 -16.71 -8.47 9.67
N TRP B 321 -17.26 -9.63 10.04
CA TRP B 321 -16.49 -10.86 10.04
C TRP B 321 -16.35 -11.48 8.65
N TYR B 322 -17.15 -11.04 7.68
CA TYR B 322 -16.97 -11.51 6.31
C TYR B 322 -15.74 -10.89 5.68
N GLY B 323 -15.49 -9.61 5.95
CA GLY B 323 -14.25 -8.98 5.51
C GLY B 323 -13.03 -9.41 6.28
N LEU B 324 -13.22 -9.95 7.49
CA LEU B 324 -12.11 -10.47 8.27
C LEU B 324 -11.65 -11.84 7.79
N LEU B 325 -12.47 -12.54 7.00
CA LEU B 325 -12.04 -13.83 6.45
C LEU B 325 -10.98 -13.64 5.38
N ALA B 326 -11.11 -12.60 4.56
CA ALA B 326 -10.07 -12.25 3.60
C ALA B 326 -8.91 -11.49 4.24
N GLY B 327 -9.08 -11.02 5.47
CA GLY B 327 -8.02 -10.33 6.17
C GLY B 327 -7.16 -11.26 7.00
N LEU B 328 -7.80 -12.28 7.61
CA LEU B 328 -7.05 -13.24 8.41
C LEU B 328 -6.27 -14.21 7.54
N PHE B 329 -6.76 -14.50 6.33
CA PHE B 329 -6.02 -15.37 5.43
C PHE B 329 -4.80 -14.68 4.84
N GLY B 330 -4.87 -13.36 4.67
CA GLY B 330 -3.75 -12.61 4.13
C GLY B 330 -2.73 -12.20 5.17
N SER B 331 -3.20 -11.96 6.41
CA SER B 331 -2.28 -11.62 7.49
C SER B 331 -1.48 -12.82 7.94
N LEU B 332 -2.11 -14.00 7.99
CA LEU B 332 -1.40 -15.22 8.35
C LEU B 332 -0.51 -15.73 7.22
N CYS B 333 -0.74 -15.26 5.99
CA CYS B 333 0.12 -15.60 4.87
C CYS B 333 1.45 -14.83 4.91
N GLY B 334 1.52 -13.77 5.69
CA GLY B 334 2.77 -13.05 5.88
C GLY B 334 3.49 -13.49 7.13
N VAL B 335 2.76 -14.12 8.05
CA VAL B 335 3.36 -14.63 9.27
C VAL B 335 4.13 -15.92 9.00
N ILE B 336 3.52 -16.83 8.22
CA ILE B 336 4.14 -18.12 7.95
C ILE B 336 5.32 -18.00 6.99
N ILE B 337 5.41 -16.90 6.23
CA ILE B 337 6.58 -16.63 5.40
C ILE B 337 7.56 -15.68 6.07
N GLY B 338 7.17 -15.03 7.17
CA GLY B 338 8.08 -14.17 7.89
C GLY B 338 9.03 -14.88 8.82
N VAL B 339 8.69 -16.11 9.23
CA VAL B 339 9.58 -16.89 10.08
C VAL B 339 10.76 -17.43 9.27
N VAL B 340 10.52 -17.74 7.99
CA VAL B 340 11.58 -18.31 7.14
C VAL B 340 12.62 -17.25 6.80
N VAL B 341 12.18 -16.00 6.59
CA VAL B 341 13.13 -14.94 6.27
C VAL B 341 13.89 -14.50 7.52
N SER B 342 13.22 -14.48 8.68
CA SER B 342 13.86 -13.98 9.90
C SER B 342 14.86 -14.99 10.47
N LEU B 343 14.48 -16.27 10.54
CA LEU B 343 15.37 -17.27 11.10
C LEU B 343 16.49 -17.67 10.16
N GLN B 344 16.33 -17.46 8.85
CA GLN B 344 17.36 -17.80 7.89
C GLN B 344 17.80 -16.56 7.11
N LEU B 345 18.03 -15.45 7.81
CA LEU B 345 18.43 -14.22 7.16
C LEU B 345 19.88 -14.24 6.71
N THR B 346 20.73 -15.02 7.37
CA THR B 346 22.15 -15.09 7.04
C THR B 346 22.49 -15.72 5.68
N PRO B 347 21.76 -16.72 5.15
CA PRO B 347 21.95 -17.05 3.73
C PRO B 347 21.25 -16.11 2.77
N ILE B 348 20.37 -15.24 3.25
CA ILE B 348 19.64 -14.32 2.38
C ILE B 348 20.44 -13.06 2.08
N ILE B 349 21.02 -12.45 3.12
CA ILE B 349 21.78 -11.22 2.95
C ILE B 349 23.09 -11.49 2.22
N GLU B 350 23.72 -12.63 2.49
CA GLU B 350 24.96 -12.99 1.80
C GLU B 350 24.74 -13.41 0.36
N TRP B 351 23.49 -13.66 -0.05
CA TRP B 351 23.23 -14.04 -1.43
C TRP B 351 23.08 -12.83 -2.34
N ILE B 352 22.55 -11.72 -1.83
CA ILE B 352 22.39 -10.52 -2.65
C ILE B 352 23.72 -9.77 -2.77
N GLU B 353 24.60 -9.91 -1.78
CA GLU B 353 25.86 -9.17 -1.79
C GLU B 353 26.85 -9.73 -2.81
N LYS B 354 26.69 -10.97 -3.24
CA LYS B 354 27.56 -11.59 -4.23
C LYS B 354 26.97 -11.55 -5.64
N LEU B 355 25.90 -10.79 -5.86
CA LEU B 355 25.26 -10.70 -7.15
C LEU B 355 25.28 -9.30 -7.73
N ILE B 356 24.97 -8.28 -6.92
CA ILE B 356 24.88 -6.91 -7.43
C ILE B 356 26.22 -6.23 -7.56
N GLY B 357 27.29 -6.82 -7.02
CA GLY B 357 28.61 -6.21 -7.11
C GLY B 357 29.22 -5.96 -5.75
N HIS B 358 29.36 -4.68 -5.39
CA HIS B 358 29.92 -4.31 -4.10
C HIS B 358 28.91 -4.60 -2.99
N GLN B 359 29.41 -5.15 -1.89
CA GLN B 359 28.55 -5.51 -0.77
C GLN B 359 28.26 -4.29 0.09
N PHE B 360 27.14 -4.34 0.81
CA PHE B 360 26.77 -3.31 1.76
C PHE B 360 27.05 -3.81 3.17
N LEU B 361 26.79 -2.94 4.15
CA LEU B 361 27.07 -3.14 5.58
C LEU B 361 28.55 -3.47 5.81
N SER B 362 29.40 -2.53 5.44
CA SER B 362 30.84 -2.70 5.57
C SER B 362 31.28 -2.41 7.00
N SER B 363 32.40 -3.02 7.39
CA SER B 363 32.95 -2.88 8.73
C SER B 363 34.00 -1.79 8.79
N ASP B 364 33.60 -0.57 8.40
CA ASP B 364 34.47 0.59 8.44
C ASP B 364 33.99 1.64 9.44
N ILE B 365 32.77 2.14 9.29
CA ILE B 365 32.18 3.11 10.19
C ILE B 365 30.86 2.66 10.77
N TYR B 366 30.37 1.47 10.40
CA TYR B 366 29.07 1.00 10.82
C TYR B 366 29.15 0.36 12.21
N PHE B 367 28.08 -0.30 12.61
CA PHE B 367 28.01 -0.94 13.93
C PHE B 367 28.70 -2.30 13.91
N ILE B 368 28.20 -3.22 13.10
CA ILE B 368 28.78 -4.55 12.94
C ILE B 368 28.90 -4.86 11.46
N ASP B 369 29.32 -6.09 11.15
CA ASP B 369 29.50 -6.55 9.78
C ASP B 369 28.28 -7.29 9.26
N PHE B 370 27.76 -8.23 10.04
CA PHE B 370 26.63 -9.04 9.60
C PHE B 370 25.30 -8.38 9.98
N LEU B 371 24.21 -8.95 9.47
CA LEU B 371 22.85 -8.49 9.74
C LEU B 371 22.13 -9.59 10.50
N PRO B 372 22.11 -9.54 11.83
CA PRO B 372 21.45 -10.58 12.61
C PRO B 372 19.95 -10.35 12.71
N SER B 373 19.26 -11.36 13.24
CA SER B 373 17.81 -11.29 13.39
C SER B 373 17.43 -12.21 14.55
N GLU B 374 17.14 -11.61 15.70
CA GLU B 374 16.69 -12.33 16.89
C GLU B 374 15.17 -12.29 16.89
N LEU B 375 14.54 -13.32 16.34
CA LEU B 375 13.09 -13.38 16.21
C LEU B 375 12.47 -13.72 17.56
N HIS B 376 11.59 -12.85 18.05
CA HIS B 376 10.85 -13.08 19.27
C HIS B 376 9.43 -13.52 18.94
N TRP B 377 8.69 -13.89 19.99
CA TRP B 377 7.30 -14.30 19.84
C TRP B 377 6.30 -13.29 20.35
N LEU B 378 6.77 -12.21 21.00
CA LEU B 378 5.86 -11.15 21.43
C LEU B 378 5.56 -10.17 20.31
N ASP B 379 6.50 -9.99 19.38
CA ASP B 379 6.28 -9.13 18.22
C ASP B 379 5.37 -9.75 17.19
N VAL B 380 5.27 -11.08 17.17
CA VAL B 380 4.34 -11.76 16.27
C VAL B 380 2.91 -11.55 16.74
N PHE B 381 2.70 -11.57 18.06
CA PHE B 381 1.37 -11.30 18.61
C PHE B 381 1.02 -9.82 18.50
N TYR B 382 2.02 -8.93 18.50
CA TYR B 382 1.77 -7.50 18.39
C TYR B 382 1.44 -7.07 16.96
N VAL B 383 1.79 -7.88 15.96
CA VAL B 383 1.47 -7.54 14.58
C VAL B 383 0.16 -8.20 14.13
N LEU B 384 -0.32 -9.21 14.84
CA LEU B 384 -1.59 -9.83 14.49
C LEU B 384 -2.77 -8.97 14.94
N VAL B 385 -2.68 -8.35 16.12
CA VAL B 385 -3.73 -7.46 16.57
C VAL B 385 -3.72 -6.16 15.78
N THR B 386 -2.53 -5.73 15.34
CA THR B 386 -2.43 -4.51 14.52
C THR B 386 -3.04 -4.72 13.14
N ALA B 387 -2.84 -5.90 12.55
CA ALA B 387 -3.45 -6.21 11.27
C ALA B 387 -4.94 -6.47 11.37
N LEU B 388 -5.45 -6.79 12.56
CA LEU B 388 -6.88 -7.04 12.75
C LEU B 388 -7.64 -5.81 13.21
N LEU B 389 -7.00 -4.93 13.99
CA LEU B 389 -7.68 -3.70 14.42
C LEU B 389 -7.81 -2.71 13.27
N LEU B 390 -6.86 -2.71 12.34
CA LEU B 390 -6.97 -1.88 11.15
C LEU B 390 -7.99 -2.42 10.16
N SER B 391 -8.27 -3.72 10.20
CA SER B 391 -9.30 -4.31 9.35
C SER B 391 -10.69 -4.21 9.96
N LEU B 392 -10.80 -3.84 11.24
CA LEU B 392 -12.12 -3.68 11.86
C LEU B 392 -12.80 -2.40 11.39
N LEU B 393 -12.04 -1.31 11.26
CA LEU B 393 -12.60 -0.06 10.75
C LEU B 393 -12.86 -0.13 9.25
N ALA B 394 -12.16 -1.01 8.53
CA ALA B 394 -12.40 -1.18 7.10
C ALA B 394 -13.62 -2.03 6.81
N SER B 395 -14.12 -2.77 7.79
CA SER B 395 -15.30 -3.62 7.62
C SER B 395 -16.51 -3.14 8.40
N TRP B 396 -16.38 -2.03 9.14
CA TRP B 396 -17.49 -1.51 9.91
C TRP B 396 -18.32 -0.49 9.12
N TYR B 397 -17.65 0.33 8.32
CA TYR B 397 -18.33 1.35 7.52
C TYR B 397 -19.13 0.79 6.33
N PRO B 398 -18.69 -0.24 5.59
CA PRO B 398 -19.64 -0.87 4.65
C PRO B 398 -20.69 -1.73 5.33
N ALA B 399 -20.51 -2.11 6.60
CA ALA B 399 -21.51 -2.90 7.28
C ALA B 399 -22.72 -2.06 7.68
N ARG B 400 -22.51 -0.77 7.96
CA ARG B 400 -23.64 0.11 8.26
C ARG B 400 -24.43 0.46 7.01
N ARG B 401 -23.82 0.38 5.83
CA ARG B 401 -24.55 0.61 4.59
C ARG B 401 -25.44 -0.57 4.25
N ALA B 402 -24.99 -1.79 4.53
CA ALA B 402 -25.78 -2.97 4.24
C ALA B 402 -26.93 -3.15 5.23
N SER B 403 -26.79 -2.60 6.44
CA SER B 403 -27.85 -2.69 7.43
C SER B 403 -29.01 -1.75 7.13
N ASN B 404 -28.78 -0.70 6.35
CA ASN B 404 -29.83 0.25 5.99
C ASN B 404 -30.55 -0.12 4.70
N ILE B 405 -30.24 -1.27 4.12
CA ILE B 405 -30.88 -1.72 2.88
C ILE B 405 -32.25 -2.29 3.26
N ASP B 406 -33.31 -1.55 2.93
CA ASP B 406 -34.65 -2.02 3.23
C ASP B 406 -35.13 -3.01 2.17
N PRO B 407 -35.91 -4.03 2.55
CA PRO B 407 -36.42 -4.99 1.56
C PRO B 407 -37.59 -4.47 0.74
N ALA B 408 -38.14 -3.30 1.07
CA ALA B 408 -39.25 -2.76 0.31
C ALA B 408 -38.80 -2.09 -0.98
N ARG B 409 -37.60 -1.50 -0.99
CA ARG B 409 -37.10 -0.85 -2.19
C ARG B 409 -36.63 -1.87 -3.22
N VAL B 410 -35.94 -2.92 -2.76
CA VAL B 410 -35.49 -3.97 -3.68
C VAL B 410 -36.68 -4.85 -4.07
N LEU B 411 -36.59 -5.47 -5.25
CA LEU B 411 -37.67 -6.31 -5.76
C LEU B 411 -37.74 -7.62 -5.01
N SER B 412 -38.44 -7.63 -3.87
CA SER B 412 -38.58 -8.83 -3.07
C SER B 412 -40.04 -9.30 -3.05
N LYS C 3 -64.26 -13.68 16.46
CA LYS C 3 -62.83 -13.45 16.58
C LYS C 3 -62.30 -12.67 15.38
N ILE C 4 -61.25 -11.88 15.62
CA ILE C 4 -60.63 -11.06 14.58
C ILE C 4 -59.12 -11.14 14.75
N LEU C 5 -58.40 -11.16 13.62
CA LEU C 5 -56.95 -11.24 13.63
C LEU C 5 -56.26 -9.99 13.10
N LEU C 6 -56.92 -9.23 12.24
CA LEU C 6 -56.31 -8.05 11.64
C LEU C 6 -57.42 -7.06 11.26
N GLN C 7 -57.22 -5.79 11.63
CA GLN C 7 -58.27 -4.79 11.47
C GLN C 7 -58.43 -4.34 10.03
N CYS C 8 -57.32 -3.95 9.39
CA CYS C 8 -57.23 -3.45 8.01
C CYS C 8 -58.11 -2.21 7.80
N ASP C 9 -57.71 -1.12 8.45
CA ASP C 9 -58.35 0.17 8.28
C ASP C 9 -57.80 0.87 7.03
N ASN C 10 -58.07 2.17 6.90
CA ASN C 10 -57.66 2.91 5.71
C ASN C 10 -56.14 3.13 5.71
N LEU C 11 -55.41 2.22 5.06
CA LEU C 11 -53.96 2.33 4.94
C LEU C 11 -53.65 3.16 3.70
N CYS C 12 -53.66 4.49 3.87
CA CYS C 12 -53.36 5.40 2.79
C CYS C 12 -51.84 5.49 2.64
N LYS C 13 -51.30 4.91 1.57
CA LYS C 13 -49.86 4.85 1.36
C LYS C 13 -49.49 5.99 0.41
N ARG C 14 -48.98 7.07 0.98
CA ARG C 14 -48.59 8.27 0.21
C ARG C 14 -47.11 8.17 -0.12
N TYR C 15 -46.81 7.78 -1.36
CA TYR C 15 -45.44 7.68 -1.81
C TYR C 15 -44.91 9.06 -2.17
N GLN C 16 -43.73 9.38 -1.65
CA GLN C 16 -43.07 10.67 -1.91
C GLN C 16 -42.13 10.50 -3.09
N GLU C 17 -42.51 11.03 -4.25
CA GLU C 17 -41.70 10.97 -5.45
C GLU C 17 -40.71 12.15 -5.44
N GLY C 18 -40.04 12.37 -6.58
CA GLY C 18 -39.17 13.52 -6.69
C GLY C 18 -39.95 14.80 -6.82
N SER C 19 -39.97 15.58 -5.72
CA SER C 19 -40.73 16.84 -5.60
C SER C 19 -42.22 16.65 -5.90
N VAL C 20 -42.75 15.49 -5.51
CA VAL C 20 -44.15 15.14 -5.75
C VAL C 20 -44.61 14.19 -4.65
N GLN C 21 -45.92 13.93 -4.60
CA GLN C 21 -46.50 13.01 -3.65
C GLN C 21 -47.64 12.26 -4.34
N THR C 22 -47.52 10.95 -4.43
CA THR C 22 -48.50 10.10 -5.13
C THR C 22 -49.16 9.16 -4.13
N ASP C 23 -50.46 8.93 -4.31
CA ASP C 23 -51.20 7.97 -3.52
C ASP C 23 -51.63 6.82 -4.42
N VAL C 24 -51.27 5.59 -4.01
CA VAL C 24 -51.53 4.40 -4.81
C VAL C 24 -52.54 3.48 -4.13
N LEU C 25 -52.44 3.31 -2.81
CA LEU C 25 -53.36 2.44 -2.06
C LEU C 25 -54.29 3.33 -1.23
N HIS C 26 -55.54 3.44 -1.67
CA HIS C 26 -56.54 4.26 -1.01
C HIS C 26 -57.80 3.43 -0.77
N ASN C 27 -58.29 3.48 0.48
CA ASN C 27 -59.54 2.86 0.93
C ASN C 27 -59.55 1.34 0.70
N VAL C 28 -58.64 0.67 1.40
CA VAL C 28 -58.57 -0.79 1.39
C VAL C 28 -59.10 -1.31 2.72
N SER C 29 -59.98 -2.31 2.65
CA SER C 29 -60.61 -2.84 3.86
C SER C 29 -61.01 -4.30 3.62
N PHE C 30 -60.40 -5.21 4.37
CA PHE C 30 -60.83 -6.60 4.40
C PHE C 30 -60.78 -7.10 5.85
N SER C 31 -61.28 -8.31 6.06
CA SER C 31 -61.37 -8.90 7.39
C SER C 31 -60.57 -10.21 7.41
N VAL C 32 -59.40 -10.17 8.02
CA VAL C 32 -58.55 -11.36 8.18
C VAL C 32 -58.92 -12.00 9.51
N GLY C 33 -59.43 -13.22 9.45
CA GLY C 33 -59.87 -13.93 10.64
C GLY C 33 -58.81 -14.92 11.15
N GLU C 34 -59.01 -15.34 12.40
CA GLU C 34 -58.12 -16.31 13.04
C GLU C 34 -58.45 -17.69 12.52
N GLY C 35 -57.67 -18.17 11.57
CA GLY C 35 -57.90 -19.46 10.95
C GLY C 35 -58.72 -19.44 9.69
N GLU C 36 -59.05 -18.26 9.17
CA GLU C 36 -59.86 -18.13 7.96
C GLU C 36 -58.96 -17.88 6.76
N MET C 37 -59.10 -18.70 5.73
CA MET C 37 -58.34 -18.53 4.51
C MET C 37 -58.98 -17.45 3.64
N MET C 38 -58.13 -16.78 2.85
CA MET C 38 -58.59 -15.71 1.98
C MET C 38 -57.89 -15.80 0.64
N ALA C 39 -58.55 -15.26 -0.39
CA ALA C 39 -58.13 -15.41 -1.78
C ALA C 39 -58.21 -14.08 -2.53
N ILE C 40 -57.59 -13.04 -1.96
CA ILE C 40 -57.65 -11.69 -2.54
C ILE C 40 -56.95 -11.69 -3.91
N VAL C 41 -57.72 -11.40 -4.95
CA VAL C 41 -57.23 -11.40 -6.32
C VAL C 41 -56.99 -9.96 -6.76
N GLY C 42 -55.90 -9.74 -7.48
CA GLY C 42 -55.57 -8.42 -8.00
C GLY C 42 -55.35 -8.43 -9.50
N SER C 43 -54.73 -7.38 -10.02
CA SER C 43 -54.45 -7.27 -11.45
C SER C 43 -53.22 -6.40 -11.63
N SER C 44 -52.88 -6.14 -12.90
CA SER C 44 -51.75 -5.28 -13.24
C SER C 44 -52.15 -3.83 -12.96
N GLY C 45 -51.77 -3.32 -11.79
CA GLY C 45 -52.14 -2.00 -11.34
C GLY C 45 -52.80 -1.99 -9.96
N SER C 46 -53.47 -3.08 -9.60
CA SER C 46 -54.06 -3.20 -8.28
C SER C 46 -52.97 -3.43 -7.23
N GLY C 47 -53.35 -3.25 -5.96
CA GLY C 47 -52.37 -3.35 -4.90
C GLY C 47 -52.01 -4.77 -4.54
N LYS C 48 -50.84 -5.23 -5.00
CA LYS C 48 -50.28 -6.51 -4.64
C LYS C 48 -48.80 -6.33 -4.35
N SER C 49 -48.26 -7.19 -3.48
CA SER C 49 -46.84 -7.33 -3.12
C SER C 49 -46.26 -6.13 -2.37
N THR C 50 -47.05 -5.07 -2.18
CA THR C 50 -46.70 -3.93 -1.35
C THR C 50 -47.64 -3.76 -0.17
N LEU C 51 -48.90 -4.16 -0.32
CA LEU C 51 -49.80 -4.27 0.83
C LEU C 51 -49.36 -5.40 1.75
N LEU C 52 -48.78 -6.47 1.18
CA LEU C 52 -48.21 -7.53 1.99
C LEU C 52 -46.96 -7.07 2.72
N HIS C 53 -46.25 -6.09 2.16
CA HIS C 53 -45.13 -5.46 2.88
C HIS C 53 -45.63 -4.55 3.99
N LEU C 54 -46.87 -4.08 3.90
CA LEU C 54 -47.44 -3.24 4.96
C LEU C 54 -47.91 -4.09 6.13
N LEU C 55 -48.62 -5.18 5.85
CA LEU C 55 -49.04 -6.08 6.92
C LEU C 55 -47.88 -6.92 7.43
N GLY C 56 -46.87 -7.15 6.59
CA GLY C 56 -45.71 -7.91 7.03
C GLY C 56 -44.74 -7.10 7.86
N GLY C 57 -44.70 -5.79 7.65
CA GLY C 57 -43.81 -4.91 8.40
C GLY C 57 -42.56 -4.48 7.65
N LEU C 58 -42.42 -4.85 6.37
CA LEU C 58 -41.25 -4.43 5.62
C LEU C 58 -41.35 -2.96 5.20
N ASP C 59 -42.55 -2.49 4.91
CA ASP C 59 -42.78 -1.11 4.53
C ASP C 59 -43.49 -0.36 5.65
N THR C 60 -43.30 0.96 5.67
CA THR C 60 -43.89 1.81 6.70
C THR C 60 -44.87 2.77 6.03
N PRO C 61 -46.16 2.73 6.40
CA PRO C 61 -47.13 3.65 5.80
C PRO C 61 -47.01 5.05 6.39
N THR C 62 -47.40 6.03 5.58
CA THR C 62 -47.34 7.42 6.01
C THR C 62 -48.48 7.76 6.97
N SER C 63 -49.72 7.41 6.59
CA SER C 63 -50.89 7.66 7.42
C SER C 63 -51.63 6.34 7.62
N GLY C 64 -51.99 6.06 8.87
CA GLY C 64 -52.67 4.83 9.21
C GLY C 64 -51.78 3.89 10.02
N ASP C 65 -52.44 2.97 10.73
CA ASP C 65 -51.73 2.02 11.57
C ASP C 65 -52.57 0.75 11.65
N VAL C 66 -52.06 -0.33 11.07
CA VAL C 66 -52.74 -1.62 11.12
C VAL C 66 -52.28 -2.37 12.37
N ILE C 67 -53.16 -3.21 12.91
CA ILE C 67 -52.89 -3.95 14.12
C ILE C 67 -52.91 -5.45 13.82
N PHE C 68 -52.42 -6.24 14.77
CA PHE C 68 -52.41 -7.69 14.65
C PHE C 68 -52.55 -8.27 16.05
N ASN C 69 -53.79 -8.61 16.43
CA ASN C 69 -54.14 -9.14 17.76
C ASN C 69 -53.70 -8.19 18.88
N GLY C 70 -54.03 -6.93 18.73
CA GLY C 70 -53.68 -5.92 19.73
C GLY C 70 -52.39 -5.17 19.46
N GLN C 71 -51.36 -5.87 19.01
CA GLN C 71 -50.08 -5.23 18.74
C GLN C 71 -50.11 -4.54 17.38
N PRO C 72 -49.86 -3.23 17.31
CA PRO C 72 -49.88 -2.54 16.01
C PRO C 72 -48.62 -2.84 15.22
N MET C 73 -48.79 -3.11 13.93
CA MET C 73 -47.65 -3.38 13.06
C MET C 73 -46.93 -2.10 12.66
N SER C 74 -47.68 -1.05 12.32
CA SER C 74 -47.06 0.22 11.93
C SER C 74 -46.48 0.93 13.14
N LYS C 75 -47.21 0.95 14.26
CA LYS C 75 -46.73 1.57 15.50
C LYS C 75 -45.97 0.51 16.29
N LEU C 76 -44.73 0.27 15.88
CA LEU C 76 -43.89 -0.73 16.51
C LEU C 76 -42.43 -0.35 16.33
N SER C 77 -41.58 -0.86 17.22
CA SER C 77 -40.16 -0.58 17.17
C SER C 77 -39.50 -1.38 16.05
N SER C 78 -38.27 -0.99 15.72
CA SER C 78 -37.53 -1.68 14.66
C SER C 78 -37.05 -3.05 15.13
N ALA C 79 -36.72 -3.19 16.41
CA ALA C 79 -36.31 -4.50 16.93
C ALA C 79 -37.49 -5.43 17.12
N ALA C 80 -38.66 -4.89 17.45
CA ALA C 80 -39.86 -5.70 17.62
C ALA C 80 -40.54 -6.05 16.30
N LYS C 81 -40.18 -5.36 15.21
CA LYS C 81 -40.77 -5.67 13.92
C LYS C 81 -40.24 -6.98 13.34
N ALA C 82 -38.98 -7.30 13.61
CA ALA C 82 -38.38 -8.53 13.11
C ALA C 82 -38.73 -9.73 13.97
N GLU C 83 -39.06 -9.53 15.25
CA GLU C 83 -39.43 -10.64 16.13
C GLU C 83 -40.80 -11.20 15.75
N LEU C 84 -41.71 -10.33 15.31
CA LEU C 84 -43.03 -10.78 14.89
C LEU C 84 -43.00 -11.49 13.54
N ARG C 85 -42.01 -11.19 12.70
CA ARG C 85 -41.85 -11.89 11.43
C ARG C 85 -41.18 -13.24 11.58
N ASN C 86 -40.72 -13.59 12.77
CA ASN C 86 -39.99 -14.84 12.97
C ASN C 86 -40.89 -15.99 13.38
N GLN C 87 -42.00 -15.72 14.05
CA GLN C 87 -42.85 -16.77 14.59
C GLN C 87 -44.24 -16.79 13.95
N LYS C 88 -44.92 -15.65 13.90
CA LYS C 88 -46.31 -15.60 13.48
C LYS C 88 -46.50 -14.97 12.10
N LEU C 89 -45.47 -15.00 11.25
CA LEU C 89 -45.57 -14.46 9.91
C LEU C 89 -44.79 -15.35 8.95
N GLY C 90 -45.28 -15.42 7.71
CA GLY C 90 -44.60 -16.17 6.67
C GLY C 90 -44.60 -15.39 5.37
N PHE C 91 -43.55 -15.61 4.58
CA PHE C 91 -43.38 -14.90 3.31
C PHE C 91 -43.01 -15.92 2.23
N ILE C 92 -43.92 -16.16 1.30
CA ILE C 92 -43.71 -17.08 0.19
C ILE C 92 -43.88 -16.30 -1.11
N TYR C 93 -42.84 -16.32 -1.94
CA TYR C 93 -42.85 -15.61 -3.21
C TYR C 93 -42.43 -16.56 -4.33
N GLN C 94 -42.61 -16.11 -5.56
CA GLN C 94 -42.23 -16.86 -6.75
C GLN C 94 -40.87 -16.44 -7.30
N PHE C 95 -40.17 -15.54 -6.63
CA PHE C 95 -38.87 -15.06 -7.07
C PHE C 95 -37.72 -15.97 -6.64
N HIS C 96 -38.03 -17.10 -6.01
CA HIS C 96 -37.06 -18.06 -5.45
C HIS C 96 -36.14 -17.37 -4.45
N HIS C 97 -36.73 -16.88 -3.37
CA HIS C 97 -36.00 -16.19 -2.31
C HIS C 97 -35.37 -17.22 -1.38
N LEU C 98 -34.30 -17.83 -1.86
CA LEU C 98 -33.52 -18.80 -1.10
C LEU C 98 -32.06 -18.41 -1.14
N LEU C 99 -31.29 -18.93 -0.18
CA LEU C 99 -29.88 -18.64 -0.08
C LEU C 99 -29.10 -19.70 -0.86
N PRO C 100 -28.43 -19.34 -1.96
CA PRO C 100 -27.77 -20.35 -2.79
C PRO C 100 -26.46 -20.87 -2.23
N ASP C 101 -25.92 -20.26 -1.17
CA ASP C 101 -24.65 -20.70 -0.61
C ASP C 101 -24.78 -21.94 0.24
N PHE C 102 -25.98 -22.28 0.70
CA PHE C 102 -26.22 -23.45 1.54
C PHE C 102 -26.95 -24.52 0.72
N THR C 103 -27.31 -25.60 1.42
CA THR C 103 -28.07 -26.68 0.82
C THR C 103 -29.57 -26.45 1.06
N ALA C 104 -30.40 -27.42 0.68
CA ALA C 104 -31.84 -27.31 0.88
C ALA C 104 -32.25 -27.53 2.33
N LEU C 105 -31.42 -28.21 3.12
CA LEU C 105 -31.77 -28.46 4.51
C LEU C 105 -31.55 -27.22 5.38
N GLU C 106 -30.50 -26.44 5.07
CA GLU C 106 -30.20 -25.25 5.85
C GLU C 106 -31.14 -24.09 5.54
N ASN C 107 -31.76 -24.07 4.35
CA ASN C 107 -32.69 -22.99 4.03
C ASN C 107 -33.99 -23.13 4.79
N VAL C 108 -34.42 -24.35 5.07
CA VAL C 108 -35.59 -24.57 5.91
C VAL C 108 -35.26 -24.29 7.37
N ALA C 109 -34.04 -24.62 7.78
CA ALA C 109 -33.58 -24.38 9.14
C ALA C 109 -33.11 -22.95 9.38
N MET C 110 -33.15 -22.09 8.36
CA MET C 110 -32.70 -20.70 8.48
C MET C 110 -33.63 -19.81 9.31
N PRO C 111 -34.97 -19.92 9.27
CA PRO C 111 -35.76 -19.19 10.28
C PRO C 111 -35.58 -19.74 11.69
N LEU C 112 -35.25 -21.02 11.84
CA LEU C 112 -35.02 -21.59 13.16
C LEU C 112 -33.68 -21.19 13.75
N LEU C 113 -32.73 -20.75 12.92
CA LEU C 113 -31.40 -20.37 13.41
C LEU C 113 -31.36 -18.93 13.92
N ILE C 114 -32.17 -18.04 13.35
CA ILE C 114 -32.19 -16.66 13.81
C ILE C 114 -32.90 -16.56 15.16
N GLY C 115 -33.93 -17.40 15.37
CA GLY C 115 -34.66 -17.39 16.63
C GLY C 115 -33.91 -17.97 17.81
N LYS C 116 -32.77 -18.63 17.57
CA LYS C 116 -31.88 -19.19 18.59
C LYS C 116 -32.61 -20.21 19.47
N LYS C 117 -33.05 -21.30 18.84
CA LYS C 117 -33.73 -22.38 19.54
C LYS C 117 -32.71 -23.43 19.99
N LYS C 118 -33.20 -24.55 20.49
CA LYS C 118 -32.32 -25.64 20.89
C LYS C 118 -31.76 -26.34 19.66
N PRO C 119 -30.48 -26.75 19.70
CA PRO C 119 -29.85 -27.33 18.50
C PRO C 119 -30.40 -28.69 18.11
N ALA C 120 -31.02 -29.42 19.04
CA ALA C 120 -31.70 -30.65 18.68
C ALA C 120 -33.07 -30.40 18.07
N GLU C 121 -33.60 -29.19 18.21
CA GLU C 121 -34.90 -28.84 17.67
C GLU C 121 -34.84 -28.28 16.25
N ILE C 122 -33.69 -27.71 15.87
CA ILE C 122 -33.54 -27.16 14.53
C ILE C 122 -33.41 -28.25 13.47
N ASN C 123 -32.94 -29.44 13.87
CA ASN C 123 -32.70 -30.53 12.92
C ASN C 123 -33.90 -31.46 12.79
N SER C 124 -34.60 -31.75 13.89
CA SER C 124 -35.74 -32.66 13.82
C SER C 124 -36.96 -31.99 13.20
N ARG C 125 -37.10 -30.67 13.35
CA ARG C 125 -38.24 -29.97 12.78
C ARG C 125 -38.10 -29.80 11.27
N ALA C 126 -36.88 -29.55 10.79
CA ALA C 126 -36.64 -29.42 9.36
C ALA C 126 -36.74 -30.75 8.63
N LEU C 127 -36.54 -31.86 9.33
CA LEU C 127 -36.66 -33.17 8.70
C LEU C 127 -38.11 -33.58 8.51
N GLU C 128 -39.01 -33.11 9.37
CA GLU C 128 -40.43 -33.46 9.26
C GLU C 128 -41.20 -32.53 8.33
N MET C 129 -40.79 -31.27 8.22
CA MET C 129 -41.49 -30.34 7.34
C MET C 129 -41.18 -30.59 5.88
N LEU C 130 -40.06 -31.24 5.57
CA LEU C 130 -39.71 -31.53 4.18
C LEU C 130 -40.43 -32.76 3.67
N LYS C 131 -40.62 -33.78 4.52
CA LYS C 131 -41.23 -35.02 4.08
C LYS C 131 -42.74 -34.88 3.85
N ALA C 132 -43.36 -33.83 4.37
CA ALA C 132 -44.80 -33.64 4.19
C ALA C 132 -45.16 -32.99 2.87
N VAL C 133 -44.18 -32.40 2.16
CA VAL C 133 -44.44 -31.69 0.92
C VAL C 133 -43.85 -32.40 -0.29
N GLY C 134 -43.10 -33.50 -0.10
CA GLY C 134 -42.51 -34.24 -1.19
C GLY C 134 -41.00 -34.19 -1.25
N LEU C 135 -40.34 -33.55 -0.28
CA LEU C 135 -38.90 -33.45 -0.22
C LEU C 135 -38.35 -34.63 0.59
N ASP C 136 -37.09 -34.52 1.05
CA ASP C 136 -36.25 -35.43 1.83
C ASP C 136 -35.66 -36.53 0.96
N HIS C 137 -35.98 -36.57 -0.34
CA HIS C 137 -35.24 -37.41 -1.28
C HIS C 137 -34.00 -36.71 -1.82
N ARG C 138 -34.00 -35.37 -1.83
CA ARG C 138 -32.85 -34.57 -2.22
C ARG C 138 -32.67 -33.43 -1.23
N ALA C 139 -32.70 -33.77 0.06
CA ALA C 139 -32.65 -32.76 1.11
C ALA C 139 -31.25 -32.16 1.25
N ASN C 140 -30.21 -32.98 1.13
CA ASN C 140 -28.84 -32.50 1.23
C ASN C 140 -28.29 -32.17 -0.16
N HIS C 141 -28.94 -31.20 -0.80
CA HIS C 141 -28.58 -30.77 -2.15
C HIS C 141 -28.72 -29.26 -2.24
N ARG C 142 -27.92 -28.67 -3.15
CA ARG C 142 -27.97 -27.24 -3.38
C ARG C 142 -29.22 -26.86 -4.17
N PRO C 143 -29.76 -25.66 -3.96
CA PRO C 143 -30.93 -25.24 -4.75
C PRO C 143 -30.61 -24.91 -6.21
N SER C 144 -29.33 -24.78 -6.57
CA SER C 144 -28.99 -24.50 -7.96
C SER C 144 -29.16 -25.71 -8.85
N GLU C 145 -29.00 -26.92 -8.29
CA GLU C 145 -29.14 -28.15 -9.06
C GLU C 145 -30.52 -28.78 -8.93
N LEU C 146 -31.44 -28.14 -8.22
CA LEU C 146 -32.79 -28.68 -8.06
C LEU C 146 -33.61 -28.41 -9.32
N SER C 147 -34.76 -29.08 -9.38
CA SER C 147 -35.66 -28.93 -10.52
C SER C 147 -36.47 -27.65 -10.41
N GLY C 148 -37.32 -27.41 -11.41
CA GLY C 148 -38.15 -26.21 -11.39
C GLY C 148 -39.28 -26.30 -10.38
N GLY C 149 -39.91 -27.48 -10.28
CA GLY C 149 -40.96 -27.67 -9.30
C GLY C 149 -40.47 -27.91 -7.90
N GLU C 150 -39.22 -28.36 -7.74
CA GLU C 150 -38.66 -28.58 -6.42
C GLU C 150 -38.15 -27.31 -5.76
N ARG C 151 -37.91 -26.25 -6.55
CA ARG C 151 -37.46 -25.00 -5.98
C ARG C 151 -38.57 -24.24 -5.27
N GLN C 152 -39.83 -24.51 -5.61
CA GLN C 152 -40.95 -23.85 -4.97
C GLN C 152 -41.51 -24.63 -3.80
N ARG C 153 -41.38 -25.95 -3.81
CA ARG C 153 -41.92 -26.76 -2.71
C ARG C 153 -41.07 -26.63 -1.46
N VAL C 154 -39.77 -26.32 -1.61
CA VAL C 154 -38.92 -26.12 -0.44
C VAL C 154 -39.19 -24.76 0.19
N ALA C 155 -39.66 -23.79 -0.60
CA ALA C 155 -39.99 -22.47 -0.06
C ALA C 155 -41.29 -22.48 0.74
N ILE C 156 -42.13 -23.49 0.55
CA ILE C 156 -43.33 -23.62 1.38
C ILE C 156 -42.96 -24.03 2.80
N ALA C 157 -42.06 -25.00 2.94
CA ALA C 157 -41.62 -25.46 4.24
C ALA C 157 -40.68 -24.49 4.94
N ARG C 158 -40.13 -23.50 4.22
CA ARG C 158 -39.25 -22.53 4.84
C ARG C 158 -40.02 -21.56 5.73
N ALA C 159 -41.18 -21.11 5.29
CA ALA C 159 -42.03 -20.20 6.04
C ALA C 159 -43.15 -20.92 6.78
N LEU C 160 -42.91 -22.16 7.20
CA LEU C 160 -43.93 -22.92 7.93
C LEU C 160 -43.36 -23.71 9.10
N VAL C 161 -42.14 -23.41 9.55
CA VAL C 161 -41.55 -24.17 10.64
C VAL C 161 -41.93 -23.59 12.01
N ASN C 162 -42.17 -22.28 12.09
CA ASN C 162 -42.50 -21.64 13.35
C ASN C 162 -43.99 -21.54 13.61
N ASN C 163 -44.81 -22.21 12.78
CA ASN C 163 -46.27 -22.23 12.79
C ASN C 163 -46.86 -20.81 12.75
N PRO C 164 -46.80 -20.13 11.61
CA PRO C 164 -47.27 -18.74 11.56
C PRO C 164 -48.79 -18.66 11.55
N ARG C 165 -49.31 -17.66 12.27
CA ARG C 165 -50.75 -17.43 12.30
C ARG C 165 -51.24 -16.68 11.07
N LEU C 166 -50.34 -16.05 10.31
CA LEU C 166 -50.69 -15.34 9.09
C LEU C 166 -49.58 -15.56 8.07
N VAL C 167 -49.82 -16.43 7.10
CA VAL C 167 -48.85 -16.74 6.06
C VAL C 167 -49.16 -15.86 4.85
N LEU C 168 -48.32 -14.86 4.62
CA LEU C 168 -48.51 -13.91 3.52
C LEU C 168 -47.81 -14.47 2.28
N ALA C 169 -48.57 -15.11 1.40
CA ALA C 169 -48.06 -15.65 0.16
C ALA C 169 -48.45 -14.74 -1.00
N ASP C 170 -47.67 -14.81 -2.08
CA ASP C 170 -47.89 -13.97 -3.26
C ASP C 170 -47.58 -14.80 -4.49
N GLU C 171 -48.63 -15.44 -5.06
CA GLU C 171 -48.70 -16.26 -6.28
C GLU C 171 -47.51 -17.20 -6.44
N PRO C 172 -47.46 -18.29 -5.67
CA PRO C 172 -46.30 -19.21 -5.77
C PRO C 172 -46.24 -19.99 -7.07
N THR C 173 -47.34 -20.08 -7.81
CA THR C 173 -47.33 -20.74 -9.11
C THR C 173 -46.82 -19.80 -10.19
N GLY C 174 -46.36 -20.39 -11.30
CA GLY C 174 -45.90 -19.63 -12.43
C GLY C 174 -44.45 -19.85 -12.79
N ASN C 175 -43.57 -19.88 -11.80
CA ASN C 175 -42.15 -20.17 -12.03
C ASN C 175 -41.83 -21.64 -11.84
N LEU C 176 -42.63 -22.52 -12.45
CA LEU C 176 -42.49 -23.97 -12.37
C LEU C 176 -43.42 -24.57 -13.43
N ASP C 177 -43.47 -25.90 -13.44
CA ASP C 177 -44.31 -26.61 -14.39
C ASP C 177 -45.78 -26.55 -13.97
N ALA C 178 -46.65 -27.06 -14.85
CA ALA C 178 -48.09 -27.03 -14.59
C ALA C 178 -48.58 -28.29 -13.87
N ARG C 179 -47.81 -29.37 -13.92
CA ARG C 179 -48.22 -30.60 -13.24
C ARG C 179 -48.07 -30.48 -11.73
N ASN C 180 -46.99 -29.84 -11.27
CA ASN C 180 -46.77 -29.58 -9.86
C ASN C 180 -47.29 -28.21 -9.43
N ALA C 181 -48.08 -27.53 -10.26
CA ALA C 181 -48.64 -26.25 -9.86
C ALA C 181 -49.83 -26.43 -8.93
N ASP C 182 -50.62 -27.49 -9.14
CA ASP C 182 -51.77 -27.76 -8.29
C ASP C 182 -51.40 -28.54 -7.04
N SER C 183 -50.20 -29.13 -6.99
CA SER C 183 -49.80 -29.91 -5.83
C SER C 183 -49.37 -29.03 -4.66
N ILE C 184 -48.81 -27.85 -4.95
CA ILE C 184 -48.39 -26.95 -3.87
C ILE C 184 -49.57 -26.16 -3.31
N PHE C 185 -50.64 -25.98 -4.07
CA PHE C 185 -51.86 -25.38 -3.51
C PHE C 185 -52.56 -26.32 -2.56
N GLN C 186 -52.47 -27.63 -2.80
CA GLN C 186 -53.05 -28.60 -1.87
C GLN C 186 -52.20 -28.75 -0.61
N LEU C 187 -50.88 -28.58 -0.73
CA LEU C 187 -50.01 -28.70 0.43
C LEU C 187 -50.17 -27.53 1.39
N LEU C 188 -50.58 -26.38 0.87
CA LEU C 188 -50.92 -25.25 1.75
C LEU C 188 -52.23 -25.50 2.49
N GLY C 189 -53.17 -26.20 1.86
CA GLY C 189 -54.45 -26.47 2.49
C GLY C 189 -54.37 -27.49 3.61
N GLU C 190 -53.42 -28.44 3.53
CA GLU C 190 -53.24 -29.39 4.61
C GLU C 190 -52.58 -28.73 5.83
N LEU C 191 -51.85 -27.63 5.61
CA LEU C 191 -51.26 -26.91 6.73
C LEU C 191 -52.29 -26.15 7.54
N ASN C 192 -53.39 -25.72 6.92
CA ASN C 192 -54.42 -24.98 7.64
C ASN C 192 -55.37 -25.88 8.42
N ARG C 193 -55.41 -27.17 8.11
CA ARG C 193 -56.27 -28.13 8.79
C ARG C 193 -55.54 -28.93 9.86
N LEU C 194 -54.28 -29.30 9.60
CA LEU C 194 -53.49 -30.03 10.59
C LEU C 194 -52.83 -29.08 11.58
N GLN C 195 -52.04 -28.13 11.07
CA GLN C 195 -51.33 -27.19 11.93
C GLN C 195 -52.12 -25.93 12.25
N GLY C 196 -53.14 -25.62 11.45
CA GLY C 196 -53.95 -24.45 11.72
C GLY C 196 -53.30 -23.13 11.36
N THR C 197 -52.59 -23.08 10.23
CA THR C 197 -51.92 -21.87 9.78
C THR C 197 -52.81 -21.16 8.76
N ALA C 198 -53.33 -19.99 9.14
CA ALA C 198 -54.16 -19.21 8.23
C ALA C 198 -53.28 -18.52 7.18
N PHE C 199 -53.58 -18.74 5.91
CA PHE C 199 -52.80 -18.18 4.82
C PHE C 199 -53.69 -17.34 3.92
N LEU C 200 -53.05 -16.63 2.99
CA LEU C 200 -53.76 -15.94 1.92
C LEU C 200 -52.88 -15.96 0.67
N VAL C 201 -53.47 -16.33 -0.46
CA VAL C 201 -52.77 -16.43 -1.73
C VAL C 201 -53.26 -15.31 -2.63
N VAL C 202 -52.34 -14.44 -3.05
CA VAL C 202 -52.68 -13.27 -3.85
C VAL C 202 -52.24 -13.55 -5.28
N THR C 203 -53.21 -13.76 -6.16
CA THR C 203 -52.94 -14.06 -7.56
C THR C 203 -53.57 -12.99 -8.45
N HIS C 204 -53.21 -13.01 -9.74
CA HIS C 204 -53.72 -12.05 -10.70
C HIS C 204 -54.93 -12.55 -11.46
N ASP C 205 -55.18 -13.85 -11.47
CA ASP C 205 -56.31 -14.44 -12.18
C ASP C 205 -57.31 -15.03 -11.21
N LEU C 206 -58.53 -15.26 -11.70
CA LEU C 206 -59.60 -15.84 -10.91
C LEU C 206 -59.61 -17.36 -10.94
N GLN C 207 -58.69 -17.99 -11.69
CA GLN C 207 -58.62 -19.44 -11.74
C GLN C 207 -58.00 -20.00 -10.47
N LEU C 208 -56.89 -19.42 -10.03
CA LEU C 208 -56.23 -19.87 -8.80
C LEU C 208 -56.97 -19.44 -7.55
N ALA C 209 -57.81 -18.40 -7.64
CA ALA C 209 -58.58 -17.95 -6.49
C ALA C 209 -59.77 -18.85 -6.20
N LYS C 210 -60.23 -19.64 -7.17
CA LYS C 210 -61.36 -20.52 -6.98
C LYS C 210 -61.01 -21.75 -6.15
N ARG C 211 -59.73 -22.15 -6.13
CA ARG C 211 -59.33 -23.29 -5.31
C ARG C 211 -59.31 -22.93 -3.83
N MET C 212 -59.07 -21.66 -3.52
CA MET C 212 -59.03 -21.17 -2.14
C MET C 212 -60.44 -20.69 -1.75
N SER C 213 -60.53 -19.94 -0.65
CA SER C 213 -61.80 -19.45 -0.13
C SER C 213 -62.33 -18.26 -0.92
N ARG C 214 -63.28 -17.54 -0.33
CA ARG C 214 -63.95 -16.42 -1.00
C ARG C 214 -62.97 -15.30 -1.36
N GLN C 215 -63.15 -14.74 -2.55
CA GLN C 215 -62.21 -13.78 -3.13
C GLN C 215 -62.70 -12.35 -2.94
N LEU C 216 -61.76 -11.42 -2.90
CA LEU C 216 -62.04 -10.00 -2.81
C LEU C 216 -61.40 -9.30 -4.00
N GLU C 217 -62.23 -8.69 -4.84
CA GLU C 217 -61.73 -7.97 -6.00
C GLU C 217 -61.26 -6.58 -5.59
N MET C 218 -60.02 -6.25 -5.93
CA MET C 218 -59.42 -4.97 -5.62
C MET C 218 -59.08 -4.24 -6.91
N ARG C 219 -59.28 -2.92 -6.92
CA ARG C 219 -59.00 -2.09 -8.07
C ARG C 219 -58.40 -0.77 -7.58
N ASP C 220 -57.07 -0.66 -7.66
CA ASP C 220 -56.29 0.52 -7.26
C ASP C 220 -56.54 0.88 -5.79
N GLY C 221 -56.50 -0.13 -4.93
CA GLY C 221 -56.72 0.04 -3.51
C GLY C 221 -58.15 -0.12 -3.06
N ARG C 222 -59.10 0.38 -3.84
CA ARG C 222 -60.51 0.28 -3.47
C ARG C 222 -61.02 -1.14 -3.71
N LEU C 223 -61.68 -1.70 -2.71
CA LEU C 223 -62.22 -3.05 -2.81
C LEU C 223 -63.49 -3.04 -3.66
N THR C 224 -63.45 -3.74 -4.80
CA THR C 224 -64.61 -3.81 -5.66
C THR C 224 -65.64 -4.82 -5.16
N ALA C 225 -65.19 -5.93 -4.59
CA ALA C 225 -66.08 -6.95 -4.07
C ALA C 225 -65.82 -7.19 -2.58
N ILE D 4 -32.12 -5.18 -53.68
CA ILE D 4 -32.27 -5.83 -52.39
C ILE D 4 -31.18 -5.33 -51.44
N LEU D 5 -31.59 -4.97 -50.21
CA LEU D 5 -30.67 -4.34 -49.27
C LEU D 5 -29.70 -5.35 -48.66
N LEU D 6 -30.23 -6.36 -47.98
CA LEU D 6 -29.41 -7.37 -47.31
C LEU D 6 -29.76 -8.74 -47.85
N GLN D 7 -28.74 -9.57 -48.04
CA GLN D 7 -28.89 -10.91 -48.58
C GLN D 7 -28.30 -11.92 -47.60
N CYS D 8 -29.03 -13.02 -47.38
CA CYS D 8 -28.59 -14.07 -46.47
C CYS D 8 -29.07 -15.41 -47.00
N ASP D 9 -28.14 -16.35 -47.14
CA ASP D 9 -28.47 -17.69 -47.60
C ASP D 9 -27.42 -18.67 -47.07
N ASN D 10 -27.88 -19.71 -46.37
CA ASN D 10 -27.06 -20.79 -45.80
C ASN D 10 -26.00 -20.23 -44.83
N LEU D 11 -26.50 -19.65 -43.75
CA LEU D 11 -25.64 -19.12 -42.68
C LEU D 11 -25.53 -20.18 -41.59
N CYS D 12 -24.38 -20.87 -41.56
CA CYS D 12 -24.11 -21.90 -40.57
C CYS D 12 -23.17 -21.32 -39.51
N LYS D 13 -23.64 -21.29 -38.26
CA LYS D 13 -22.88 -20.76 -37.15
C LYS D 13 -22.39 -21.93 -36.30
N ARG D 14 -21.08 -22.15 -36.30
CA ARG D 14 -20.46 -23.25 -35.56
C ARG D 14 -19.86 -22.69 -34.27
N TYR D 15 -20.49 -23.03 -33.14
CA TYR D 15 -20.02 -22.61 -31.83
C TYR D 15 -19.31 -23.79 -31.15
N GLN D 16 -18.24 -23.49 -30.42
CA GLN D 16 -17.49 -24.51 -29.69
C GLN D 16 -18.24 -24.86 -28.42
N GLU D 17 -18.94 -26.00 -28.44
CA GLU D 17 -19.63 -26.50 -27.26
C GLU D 17 -18.68 -27.33 -26.41
N GLY D 18 -19.23 -28.11 -25.48
CA GLY D 18 -18.44 -28.92 -24.58
C GLY D 18 -17.87 -30.14 -25.25
N SER D 19 -16.83 -29.92 -26.08
CA SER D 19 -16.09 -30.93 -26.84
C SER D 19 -16.95 -31.63 -27.88
N VAL D 20 -18.05 -31.01 -28.31
CA VAL D 20 -18.85 -31.46 -29.45
C VAL D 20 -19.03 -30.27 -30.38
N GLN D 21 -19.41 -30.58 -31.62
CA GLN D 21 -19.63 -29.57 -32.66
C GLN D 21 -21.02 -29.77 -33.23
N THR D 22 -22.01 -29.06 -32.67
CA THR D 22 -23.39 -29.12 -33.12
C THR D 22 -23.78 -27.79 -33.75
N ASP D 23 -24.26 -27.84 -34.99
CA ASP D 23 -24.71 -26.64 -35.68
C ASP D 23 -26.12 -26.28 -35.22
N VAL D 24 -26.32 -25.01 -34.85
CA VAL D 24 -27.59 -24.56 -34.32
C VAL D 24 -28.37 -23.82 -35.41
N LEU D 25 -27.66 -23.11 -36.29
CA LEU D 25 -28.28 -22.37 -37.39
C LEU D 25 -28.07 -23.16 -38.67
N HIS D 26 -29.05 -23.99 -39.02
CA HIS D 26 -28.96 -24.90 -40.15
C HIS D 26 -29.81 -24.37 -41.30
N ASN D 27 -29.14 -23.78 -42.30
CA ASN D 27 -29.72 -23.35 -43.58
C ASN D 27 -30.84 -22.31 -43.38
N VAL D 28 -30.44 -21.17 -42.82
CA VAL D 28 -31.35 -20.05 -42.63
C VAL D 28 -31.18 -19.08 -43.80
N SER D 29 -32.29 -18.60 -44.35
CA SER D 29 -32.25 -17.74 -45.52
C SER D 29 -33.45 -16.80 -45.49
N PHE D 30 -33.19 -15.52 -45.75
CA PHE D 30 -34.24 -14.51 -45.83
C PHE D 30 -33.76 -13.36 -46.72
N SER D 31 -34.70 -12.75 -47.44
CA SER D 31 -34.41 -11.62 -48.30
C SER D 31 -34.87 -10.34 -47.62
N VAL D 32 -33.94 -9.41 -47.43
CA VAL D 32 -34.21 -8.15 -46.74
C VAL D 32 -33.98 -7.02 -47.73
N GLY D 33 -35.07 -6.32 -48.09
CA GLY D 33 -34.99 -5.20 -49.01
C GLY D 33 -35.07 -3.86 -48.27
N GLU D 34 -35.11 -2.80 -49.08
CA GLU D 34 -35.20 -1.44 -48.56
C GLU D 34 -36.63 -1.16 -48.13
N GLY D 35 -36.83 -0.91 -46.83
CA GLY D 35 -38.15 -0.66 -46.30
C GLY D 35 -39.00 -1.90 -46.19
N GLU D 36 -38.53 -2.88 -45.41
CA GLU D 36 -39.23 -4.14 -45.26
C GLU D 36 -40.28 -4.05 -44.16
N MET D 37 -41.44 -4.63 -44.43
CA MET D 37 -42.51 -4.76 -43.43
C MET D 37 -42.34 -6.16 -42.83
N MET D 38 -41.45 -6.25 -41.86
CA MET D 38 -40.94 -7.53 -41.37
C MET D 38 -41.60 -7.91 -40.06
N ALA D 39 -41.99 -9.17 -39.94
CA ALA D 39 -42.63 -9.73 -38.74
C ALA D 39 -41.99 -11.06 -38.38
N ILE D 40 -40.66 -11.06 -38.28
CA ILE D 40 -39.88 -12.27 -38.06
C ILE D 40 -40.17 -12.81 -36.66
N VAL D 41 -40.97 -13.87 -36.58
CA VAL D 41 -41.41 -14.43 -35.31
C VAL D 41 -40.57 -15.66 -35.02
N GLY D 42 -40.48 -16.03 -33.74
CA GLY D 42 -39.72 -17.18 -33.31
C GLY D 42 -40.35 -17.84 -32.10
N SER D 43 -39.65 -18.84 -31.58
CA SER D 43 -40.10 -19.58 -30.41
C SER D 43 -38.91 -19.78 -29.48
N SER D 44 -39.09 -20.64 -28.47
CA SER D 44 -38.03 -20.93 -27.51
C SER D 44 -36.99 -21.83 -28.18
N GLY D 45 -35.80 -21.28 -28.42
CA GLY D 45 -34.74 -22.03 -29.05
C GLY D 45 -34.89 -22.10 -30.57
N SER D 46 -35.16 -20.96 -31.20
CA SER D 46 -35.33 -20.89 -32.64
C SER D 46 -34.38 -19.92 -33.32
N GLY D 47 -33.64 -19.11 -32.57
CA GLY D 47 -32.72 -18.16 -33.15
C GLY D 47 -33.15 -16.71 -33.07
N LYS D 48 -33.84 -16.30 -32.02
CA LYS D 48 -34.27 -14.91 -31.89
C LYS D 48 -33.14 -14.02 -31.39
N SER D 49 -32.51 -14.42 -30.28
CA SER D 49 -31.39 -13.63 -29.74
C SER D 49 -30.15 -13.75 -30.61
N THR D 50 -29.98 -14.87 -31.30
CA THR D 50 -28.88 -15.04 -32.23
C THR D 50 -29.27 -14.50 -33.60
N LEU D 51 -28.29 -14.53 -34.52
CA LEU D 51 -28.35 -14.16 -35.95
C LEU D 51 -28.54 -12.66 -36.17
N LEU D 52 -28.64 -11.88 -35.09
CA LEU D 52 -28.61 -10.43 -35.17
C LEU D 52 -27.21 -9.88 -34.93
N HIS D 53 -26.37 -10.62 -34.20
CA HIS D 53 -24.98 -10.22 -34.02
C HIS D 53 -24.17 -10.44 -35.30
N LEU D 54 -24.60 -11.38 -36.14
CA LEU D 54 -23.92 -11.61 -37.42
C LEU D 54 -24.25 -10.50 -38.41
N LEU D 55 -25.47 -9.95 -38.34
CA LEU D 55 -25.84 -8.86 -39.23
C LEU D 55 -25.23 -7.54 -38.79
N GLY D 56 -25.18 -7.30 -37.48
CA GLY D 56 -24.60 -6.07 -36.95
C GLY D 56 -23.08 -6.06 -36.99
N GLY D 57 -22.47 -7.20 -36.70
CA GLY D 57 -21.02 -7.30 -36.72
C GLY D 57 -20.43 -7.62 -35.36
N LEU D 58 -21.27 -7.97 -34.40
CA LEU D 58 -20.78 -8.34 -33.07
C LEU D 58 -20.16 -9.72 -33.07
N ASP D 59 -20.73 -10.66 -33.81
CA ASP D 59 -20.20 -12.01 -33.94
C ASP D 59 -19.98 -12.32 -35.41
N THR D 60 -18.94 -13.11 -35.69
CA THR D 60 -18.60 -13.50 -37.04
C THR D 60 -18.89 -14.98 -37.25
N PRO D 61 -19.59 -15.36 -38.32
CA PRO D 61 -19.83 -16.79 -38.57
C PRO D 61 -18.59 -17.46 -39.14
N THR D 62 -18.29 -18.66 -38.63
CA THR D 62 -17.13 -19.39 -39.09
C THR D 62 -17.37 -20.12 -40.41
N SER D 63 -18.63 -20.41 -40.74
CA SER D 63 -19.00 -21.12 -41.96
C SER D 63 -20.09 -20.36 -42.71
N GLY D 64 -19.91 -19.05 -42.83
CA GLY D 64 -20.87 -18.23 -43.53
C GLY D 64 -20.34 -16.83 -43.75
N ASP D 65 -21.01 -16.10 -44.64
CA ASP D 65 -20.64 -14.74 -44.98
C ASP D 65 -21.89 -13.91 -45.18
N VAL D 66 -21.97 -12.78 -44.47
CA VAL D 66 -23.11 -11.87 -44.56
C VAL D 66 -22.74 -10.78 -45.56
N ILE D 67 -23.45 -10.75 -46.68
CA ILE D 67 -23.24 -9.74 -47.72
C ILE D 67 -24.32 -8.67 -47.59
N PHE D 68 -23.93 -7.41 -47.76
CA PHE D 68 -24.82 -6.27 -47.58
C PHE D 68 -24.62 -5.31 -48.74
N ASN D 69 -25.50 -5.43 -49.75
CA ASN D 69 -25.56 -4.70 -51.03
C ASN D 69 -24.19 -4.45 -51.67
N GLY D 70 -23.32 -5.45 -51.64
CA GLY D 70 -21.99 -5.35 -52.21
C GLY D 70 -20.88 -5.27 -51.18
N GLN D 71 -21.20 -4.95 -49.93
CA GLN D 71 -20.21 -4.85 -48.87
C GLN D 71 -20.38 -6.00 -47.90
N PRO D 72 -19.39 -6.89 -47.74
CA PRO D 72 -19.54 -8.02 -46.82
C PRO D 72 -19.41 -7.58 -45.37
N MET D 73 -20.33 -8.04 -44.53
CA MET D 73 -20.24 -7.77 -43.09
C MET D 73 -19.31 -8.75 -42.39
N SER D 74 -19.38 -10.04 -42.75
CA SER D 74 -18.57 -11.03 -42.08
C SER D 74 -17.11 -10.97 -42.53
N LYS D 75 -16.86 -10.62 -43.79
CA LYS D 75 -15.50 -10.47 -44.29
C LYS D 75 -15.06 -9.01 -44.15
N LEU D 76 -14.82 -8.63 -42.89
CA LEU D 76 -14.46 -7.26 -42.56
C LEU D 76 -13.70 -7.26 -41.25
N SER D 77 -12.76 -6.32 -41.12
CA SER D 77 -11.97 -6.19 -39.91
C SER D 77 -12.79 -5.55 -38.80
N SER D 78 -12.24 -5.59 -37.58
CA SER D 78 -12.94 -5.04 -36.42
C SER D 78 -12.95 -3.52 -36.40
N ALA D 79 -12.01 -2.87 -37.11
CA ALA D 79 -11.98 -1.42 -37.14
C ALA D 79 -13.07 -0.86 -38.05
N ALA D 80 -13.37 -1.54 -39.15
CA ALA D 80 -14.42 -1.12 -40.08
C ALA D 80 -15.78 -1.70 -39.73
N LYS D 81 -15.85 -2.63 -38.78
CA LYS D 81 -17.14 -3.18 -38.37
C LYS D 81 -17.92 -2.17 -37.53
N ALA D 82 -17.23 -1.41 -36.69
CA ALA D 82 -17.86 -0.39 -35.86
C ALA D 82 -18.25 0.86 -36.65
N GLU D 83 -17.73 1.03 -37.86
CA GLU D 83 -18.11 2.17 -38.69
C GLU D 83 -19.53 2.02 -39.21
N LEU D 84 -19.91 0.80 -39.61
CA LEU D 84 -21.23 0.56 -40.16
C LEU D 84 -22.31 0.45 -39.08
N ARG D 85 -21.91 0.24 -37.82
CA ARG D 85 -22.87 0.19 -36.73
C ARG D 85 -23.32 1.56 -36.26
N ASN D 86 -22.64 2.62 -36.67
CA ASN D 86 -22.97 3.98 -36.24
C ASN D 86 -23.74 4.76 -37.29
N GLN D 87 -23.88 4.24 -38.51
CA GLN D 87 -24.52 4.95 -39.60
C GLN D 87 -25.79 4.29 -40.09
N LYS D 88 -25.73 2.99 -40.44
CA LYS D 88 -26.86 2.31 -41.05
C LYS D 88 -27.27 1.07 -40.27
N LEU D 89 -27.00 1.05 -38.96
CA LEU D 89 -27.38 -0.07 -38.12
C LEU D 89 -27.87 0.43 -36.78
N GLY D 90 -29.00 -0.09 -36.32
CA GLY D 90 -29.56 0.28 -35.02
C GLY D 90 -29.79 -0.95 -34.16
N PHE D 91 -29.69 -0.74 -32.84
CA PHE D 91 -29.82 -1.82 -31.88
C PHE D 91 -30.78 -1.40 -30.78
N ILE D 92 -31.83 -2.17 -30.58
CA ILE D 92 -32.82 -1.95 -29.52
C ILE D 92 -32.88 -3.21 -28.67
N TYR D 93 -32.58 -3.08 -27.38
CA TYR D 93 -32.56 -4.20 -26.46
C TYR D 93 -33.54 -3.96 -25.32
N GLN D 94 -33.65 -4.95 -24.42
CA GLN D 94 -34.59 -4.88 -23.32
C GLN D 94 -34.02 -5.38 -22.00
N PHE D 95 -32.70 -5.50 -21.87
CA PHE D 95 -32.07 -5.98 -20.64
C PHE D 95 -31.57 -4.84 -19.76
N HIS D 96 -32.30 -3.71 -19.77
CA HIS D 96 -31.93 -2.46 -19.08
C HIS D 96 -30.54 -1.99 -19.49
N HIS D 97 -30.38 -1.78 -20.80
CA HIS D 97 -29.10 -1.38 -21.37
C HIS D 97 -29.02 0.15 -21.52
N LEU D 98 -29.21 0.84 -20.41
CA LEU D 98 -29.04 2.29 -20.33
C LEU D 98 -28.00 2.60 -19.27
N LEU D 99 -27.31 3.73 -19.45
CA LEU D 99 -26.24 4.13 -18.55
C LEU D 99 -26.85 5.01 -17.45
N PRO D 100 -26.86 4.55 -16.18
CA PRO D 100 -27.49 5.35 -15.13
C PRO D 100 -26.65 6.54 -14.67
N ASP D 101 -25.36 6.57 -15.03
CA ASP D 101 -24.52 7.72 -14.66
C ASP D 101 -24.82 8.93 -15.52
N PHE D 102 -25.44 8.75 -16.69
CA PHE D 102 -25.80 9.84 -17.57
C PHE D 102 -27.29 10.13 -17.44
N THR D 103 -27.78 11.06 -18.26
CA THR D 103 -29.19 11.43 -18.31
C THR D 103 -29.80 10.93 -19.61
N ALA D 104 -31.06 11.29 -19.83
CA ALA D 104 -31.76 10.89 -21.05
C ALA D 104 -31.28 11.64 -22.28
N LEU D 105 -30.68 12.81 -22.10
CA LEU D 105 -30.15 13.57 -23.23
C LEU D 105 -28.80 13.03 -23.68
N GLU D 106 -27.94 12.62 -22.73
CA GLU D 106 -26.62 12.11 -23.07
C GLU D 106 -26.62 10.65 -23.50
N ASN D 107 -27.72 9.92 -23.27
CA ASN D 107 -27.79 8.54 -23.70
C ASN D 107 -28.00 8.44 -25.21
N VAL D 108 -28.84 9.32 -25.77
CA VAL D 108 -29.06 9.34 -27.22
C VAL D 108 -27.99 10.13 -27.96
N ALA D 109 -27.18 10.90 -27.26
CA ALA D 109 -26.07 11.64 -27.87
C ALA D 109 -24.76 10.87 -27.85
N MET D 110 -24.73 9.70 -27.21
CA MET D 110 -23.54 8.86 -27.14
C MET D 110 -23.14 8.23 -28.49
N PRO D 111 -24.06 7.80 -29.37
CA PRO D 111 -23.59 7.46 -30.74
C PRO D 111 -23.12 8.64 -31.55
N LEU D 112 -23.53 9.87 -31.20
CA LEU D 112 -23.03 11.04 -31.93
C LEU D 112 -21.60 11.38 -31.55
N LEU D 113 -21.18 11.00 -30.34
CA LEU D 113 -19.82 11.29 -29.90
C LEU D 113 -18.80 10.32 -30.48
N ILE D 114 -19.19 9.06 -30.70
CA ILE D 114 -18.28 8.10 -31.31
C ILE D 114 -18.13 8.37 -32.80
N GLY D 115 -19.18 8.87 -33.45
CA GLY D 115 -19.14 9.20 -34.86
C GLY D 115 -18.45 10.50 -35.21
N LYS D 116 -17.86 11.18 -34.21
CA LYS D 116 -17.09 12.42 -34.37
C LYS D 116 -17.94 13.53 -35.00
N LYS D 117 -19.13 13.74 -34.45
CA LYS D 117 -19.98 14.84 -34.85
C LYS D 117 -19.63 16.10 -34.08
N LYS D 118 -19.78 17.24 -34.74
CA LYS D 118 -19.51 18.51 -34.09
C LYS D 118 -20.64 18.87 -33.13
N PRO D 119 -20.34 19.58 -32.04
CA PRO D 119 -21.38 19.90 -31.05
C PRO D 119 -22.40 20.94 -31.49
N ALA D 120 -22.27 21.52 -32.69
CA ALA D 120 -23.28 22.45 -33.17
C ALA D 120 -24.57 21.75 -33.57
N GLU D 121 -24.45 20.51 -34.06
CA GLU D 121 -25.61 19.72 -34.47
C GLU D 121 -25.85 18.49 -33.61
N ILE D 122 -25.10 18.33 -32.51
CA ILE D 122 -25.36 17.20 -31.61
C ILE D 122 -26.60 17.48 -30.77
N ASN D 123 -26.70 18.68 -30.19
CA ASN D 123 -27.82 19.01 -29.32
C ASN D 123 -29.12 19.23 -30.07
N SER D 124 -29.06 19.57 -31.37
CA SER D 124 -30.28 19.76 -32.14
C SER D 124 -30.82 18.43 -32.67
N ARG D 125 -29.93 17.50 -33.01
CA ARG D 125 -30.36 16.19 -33.49
C ARG D 125 -30.86 15.32 -32.34
N ALA D 126 -30.31 15.49 -31.14
CA ALA D 126 -30.73 14.68 -30.00
C ALA D 126 -32.04 15.17 -29.40
N LEU D 127 -32.23 16.49 -29.34
CA LEU D 127 -33.44 17.03 -28.72
C LEU D 127 -34.66 16.87 -29.63
N GLU D 128 -34.44 16.82 -30.95
CA GLU D 128 -35.54 16.59 -31.87
C GLU D 128 -36.00 15.14 -31.91
N MET D 129 -35.19 14.22 -31.36
CA MET D 129 -35.62 12.83 -31.25
C MET D 129 -36.43 12.59 -29.99
N LEU D 130 -36.16 13.34 -28.92
CA LEU D 130 -36.97 13.24 -27.71
C LEU D 130 -38.33 13.88 -27.90
N LYS D 131 -38.44 14.86 -28.80
CA LYS D 131 -39.73 15.47 -29.08
C LYS D 131 -40.61 14.58 -29.95
N ALA D 132 -40.00 13.80 -30.85
CA ALA D 132 -40.78 12.87 -31.67
C ALA D 132 -41.25 11.67 -30.85
N VAL D 133 -40.52 11.32 -29.80
CA VAL D 133 -40.95 10.22 -28.93
C VAL D 133 -42.01 10.70 -27.94
N GLY D 134 -41.72 11.78 -27.23
CA GLY D 134 -42.67 12.33 -26.27
C GLY D 134 -42.12 12.35 -24.86
N LEU D 135 -40.80 12.43 -24.73
CA LEU D 135 -40.12 12.45 -23.43
C LEU D 135 -39.39 13.77 -23.23
N ASP D 136 -40.04 14.88 -23.58
CA ASP D 136 -39.44 16.19 -23.39
C ASP D 136 -39.47 16.64 -21.94
N HIS D 137 -40.32 16.03 -21.11
CA HIS D 137 -40.38 16.40 -19.70
C HIS D 137 -39.18 15.83 -18.94
N ARG D 138 -38.89 14.55 -19.12
CA ARG D 138 -37.75 13.90 -18.49
C ARG D 138 -36.54 13.89 -19.44
N ALA D 139 -36.14 15.09 -19.86
CA ALA D 139 -35.02 15.22 -20.76
C ALA D 139 -33.68 15.15 -20.03
N ASN D 140 -33.54 15.90 -18.94
CA ASN D 140 -32.33 15.91 -18.14
C ASN D 140 -32.48 15.06 -16.88
N HIS D 141 -33.24 13.97 -16.96
CA HIS D 141 -33.48 13.09 -15.83
C HIS D 141 -32.71 11.79 -16.00
N ARG D 142 -32.17 11.27 -14.90
CA ARG D 142 -31.44 10.02 -14.91
C ARG D 142 -32.41 8.84 -15.02
N PRO D 143 -32.01 7.76 -15.70
CA PRO D 143 -32.90 6.59 -15.83
C PRO D 143 -33.06 5.77 -14.57
N SER D 144 -32.35 6.09 -13.49
CA SER D 144 -32.48 5.33 -12.25
C SER D 144 -33.77 5.63 -11.50
N GLU D 145 -34.43 6.74 -11.80
CA GLU D 145 -35.66 7.13 -11.12
C GLU D 145 -36.87 7.13 -12.04
N LEU D 146 -36.72 6.74 -13.30
CA LEU D 146 -37.84 6.72 -14.23
C LEU D 146 -38.72 5.49 -13.99
N SER D 147 -39.88 5.49 -14.63
CA SER D 147 -40.83 4.39 -14.48
C SER D 147 -40.47 3.25 -15.43
N GLY D 148 -41.28 2.19 -15.41
CA GLY D 148 -41.00 1.03 -16.23
C GLY D 148 -41.34 1.22 -17.69
N GLY D 149 -42.31 2.08 -18.00
CA GLY D 149 -42.70 2.32 -19.37
C GLY D 149 -41.90 3.42 -20.04
N GLU D 150 -41.26 4.28 -19.25
CA GLU D 150 -40.50 5.39 -19.79
C GLU D 150 -39.05 5.00 -20.11
N ARG D 151 -38.52 3.96 -19.47
CA ARG D 151 -37.13 3.56 -19.72
C ARG D 151 -36.99 2.81 -21.04
N GLN D 152 -38.06 2.17 -21.51
CA GLN D 152 -37.98 1.44 -22.77
C GLN D 152 -37.96 2.37 -23.97
N ARG D 153 -38.61 3.55 -23.85
CA ARG D 153 -38.67 4.48 -24.97
C ARG D 153 -37.36 5.21 -25.21
N VAL D 154 -36.45 5.21 -24.23
CA VAL D 154 -35.14 5.82 -24.44
C VAL D 154 -34.26 4.91 -25.29
N ALA D 155 -34.40 3.59 -25.13
CA ALA D 155 -33.61 2.66 -25.93
C ALA D 155 -34.06 2.62 -27.38
N ILE D 156 -35.34 2.91 -27.64
CA ILE D 156 -35.81 3.00 -29.01
C ILE D 156 -35.31 4.29 -29.66
N ALA D 157 -35.29 5.38 -28.89
CA ALA D 157 -34.78 6.65 -29.40
C ALA D 157 -33.25 6.70 -29.46
N ARG D 158 -32.56 5.72 -28.89
CA ARG D 158 -31.11 5.69 -28.95
C ARG D 158 -30.60 5.33 -30.34
N ALA D 159 -31.30 4.42 -31.03
CA ALA D 159 -30.84 3.93 -32.31
C ALA D 159 -31.31 4.77 -33.49
N LEU D 160 -32.37 5.57 -33.32
CA LEU D 160 -32.94 6.35 -34.40
C LEU D 160 -32.33 7.76 -34.51
N VAL D 161 -31.12 7.95 -34.00
CA VAL D 161 -30.50 9.27 -34.05
C VAL D 161 -29.81 9.50 -35.39
N ASN D 162 -28.98 8.54 -35.82
CA ASN D 162 -28.20 8.67 -37.04
C ASN D 162 -28.96 8.20 -38.28
N ASN D 163 -30.27 7.93 -38.16
CA ASN D 163 -31.17 7.44 -39.19
C ASN D 163 -30.64 6.17 -39.86
N PRO D 164 -30.66 5.03 -39.18
CA PRO D 164 -30.07 3.81 -39.76
C PRO D 164 -31.01 3.16 -40.75
N ARG D 165 -30.41 2.34 -41.62
CA ARG D 165 -31.18 1.62 -42.63
C ARG D 165 -31.90 0.41 -42.03
N LEU D 166 -31.16 -0.42 -41.29
CA LEU D 166 -31.71 -1.62 -40.67
C LEU D 166 -31.66 -1.45 -39.16
N VAL D 167 -32.82 -1.49 -38.51
CA VAL D 167 -32.93 -1.37 -37.06
C VAL D 167 -33.15 -2.77 -36.51
N LEU D 168 -32.14 -3.30 -35.82
CA LEU D 168 -32.23 -4.63 -35.23
C LEU D 168 -32.86 -4.53 -33.85
N ALA D 169 -34.10 -4.98 -33.73
CA ALA D 169 -34.82 -4.98 -32.47
C ALA D 169 -34.91 -6.40 -31.92
N ASP D 170 -35.15 -6.50 -30.61
CA ASP D 170 -35.23 -7.78 -29.93
C ASP D 170 -36.12 -7.64 -28.71
N GLU D 171 -37.35 -8.17 -28.79
CA GLU D 171 -38.38 -8.16 -27.76
C GLU D 171 -38.68 -6.77 -27.23
N PRO D 172 -39.39 -5.92 -27.99
CA PRO D 172 -39.69 -4.57 -27.47
C PRO D 172 -40.69 -4.59 -26.32
N THR D 173 -41.73 -5.43 -26.41
CA THR D 173 -42.71 -5.56 -25.33
C THR D 173 -42.37 -6.83 -24.54
N GLY D 174 -41.33 -6.72 -23.71
CA GLY D 174 -40.91 -7.85 -22.91
C GLY D 174 -40.86 -7.58 -21.41
N ASN D 175 -40.67 -6.33 -21.02
CA ASN D 175 -40.54 -5.96 -19.62
C ASN D 175 -41.66 -5.03 -19.16
N LEU D 176 -42.80 -5.05 -19.84
CA LEU D 176 -43.93 -4.22 -19.45
C LEU D 176 -45.22 -4.95 -19.81
N ASP D 177 -46.34 -4.39 -19.34
CA ASP D 177 -47.64 -5.00 -19.53
C ASP D 177 -48.22 -4.58 -20.88
N ALA D 178 -49.49 -4.90 -21.11
CA ALA D 178 -50.17 -4.58 -22.35
C ALA D 178 -50.84 -3.21 -22.34
N ARG D 179 -50.66 -2.43 -21.28
CA ARG D 179 -51.26 -1.10 -21.24
C ARG D 179 -50.51 -0.13 -22.15
N ASN D 180 -49.17 -0.21 -22.16
CA ASN D 180 -48.35 0.63 -23.03
C ASN D 180 -47.76 -0.17 -24.19
N ALA D 181 -48.34 -1.32 -24.52
CA ALA D 181 -47.85 -2.11 -25.64
C ALA D 181 -48.22 -1.48 -26.97
N ASP D 182 -49.43 -0.92 -27.08
CA ASP D 182 -49.86 -0.26 -28.30
C ASP D 182 -49.22 1.11 -28.47
N SER D 183 -48.65 1.69 -27.40
CA SER D 183 -47.97 2.97 -27.51
C SER D 183 -46.62 2.83 -28.19
N ILE D 184 -45.82 1.84 -27.78
CA ILE D 184 -44.52 1.64 -28.39
C ILE D 184 -44.62 0.95 -29.76
N PHE D 185 -45.74 0.30 -30.05
CA PHE D 185 -45.94 -0.24 -31.40
C PHE D 185 -46.34 0.86 -32.37
N GLN D 186 -47.12 1.84 -31.91
CA GLN D 186 -47.42 3.00 -32.74
C GLN D 186 -46.20 3.90 -32.89
N LEU D 187 -45.38 4.01 -31.84
CA LEU D 187 -44.18 4.85 -31.89
C LEU D 187 -43.13 4.26 -32.83
N LEU D 188 -43.05 2.94 -32.91
CA LEU D 188 -42.13 2.31 -33.86
C LEU D 188 -42.65 2.42 -35.29
N GLY D 189 -43.96 2.60 -35.45
CA GLY D 189 -44.57 2.79 -36.75
C GLY D 189 -44.42 4.16 -37.36
N GLU D 190 -43.87 5.11 -36.63
CA GLU D 190 -43.58 6.43 -37.17
C GLU D 190 -42.16 6.56 -37.71
N LEU D 191 -41.40 5.47 -37.74
CA LEU D 191 -40.01 5.50 -38.18
C LEU D 191 -39.87 5.18 -39.67
N ASN D 192 -40.69 4.27 -40.18
CA ASN D 192 -40.62 3.91 -41.59
C ASN D 192 -41.34 4.89 -42.51
N ARG D 193 -42.15 5.79 -41.96
CA ARG D 193 -42.91 6.75 -42.74
C ARG D 193 -42.26 8.13 -42.76
N LEU D 194 -41.19 8.34 -42.00
CA LEU D 194 -40.52 9.63 -41.93
C LEU D 194 -39.11 9.58 -42.49
N GLN D 195 -38.33 8.56 -42.13
CA GLN D 195 -36.98 8.38 -42.67
C GLN D 195 -36.84 7.10 -43.50
N GLY D 196 -37.86 6.24 -43.53
CA GLY D 196 -37.76 5.00 -44.28
C GLY D 196 -36.87 3.96 -43.65
N THR D 197 -36.83 3.90 -42.33
CA THR D 197 -35.98 2.94 -41.62
C THR D 197 -36.68 1.59 -41.54
N ALA D 198 -36.06 0.57 -42.14
CA ALA D 198 -36.59 -0.78 -42.09
C ALA D 198 -36.21 -1.44 -40.77
N PHE D 199 -37.16 -2.16 -40.17
CA PHE D 199 -36.90 -2.82 -38.90
C PHE D 199 -37.62 -4.17 -38.89
N LEU D 200 -37.32 -4.97 -37.87
CA LEU D 200 -37.98 -6.25 -37.65
C LEU D 200 -38.41 -6.33 -36.20
N VAL D 201 -39.54 -6.98 -35.96
CA VAL D 201 -40.11 -7.14 -34.63
C VAL D 201 -39.90 -8.59 -34.20
N VAL D 202 -39.41 -8.78 -32.97
CA VAL D 202 -39.18 -10.10 -32.40
C VAL D 202 -40.13 -10.26 -31.21
N THR D 203 -40.92 -11.32 -31.23
CA THR D 203 -41.92 -11.57 -30.20
C THR D 203 -41.98 -13.07 -29.95
N HIS D 204 -42.01 -13.45 -28.66
CA HIS D 204 -41.89 -14.86 -28.29
C HIS D 204 -43.12 -15.67 -28.68
N ASP D 205 -44.30 -15.08 -28.64
CA ASP D 205 -45.51 -15.71 -29.14
C ASP D 205 -45.93 -15.05 -30.45
N LEU D 206 -47.06 -15.51 -31.00
CA LEU D 206 -47.52 -15.08 -32.31
C LEU D 206 -48.85 -14.32 -32.21
N GLN D 207 -48.98 -13.46 -31.21
CA GLN D 207 -50.19 -12.64 -31.06
C GLN D 207 -49.85 -11.16 -31.03
N LEU D 208 -48.69 -10.80 -30.49
CA LEU D 208 -48.28 -9.42 -30.36
C LEU D 208 -47.48 -8.91 -31.57
N ALA D 209 -47.41 -9.71 -32.64
CA ALA D 209 -46.70 -9.32 -33.85
C ALA D 209 -47.64 -9.16 -35.05
N LYS D 210 -48.92 -8.91 -34.80
CA LYS D 210 -49.91 -8.76 -35.87
C LYS D 210 -50.07 -7.30 -36.28
N ARG D 211 -48.96 -6.66 -36.67
CA ARG D 211 -48.99 -5.30 -37.16
C ARG D 211 -48.34 -5.23 -38.54
N MET D 212 -47.53 -6.23 -38.87
CA MET D 212 -46.86 -6.33 -40.16
C MET D 212 -47.48 -7.43 -40.99
N SER D 213 -46.88 -7.71 -42.14
CA SER D 213 -47.43 -8.68 -43.09
C SER D 213 -46.58 -9.93 -43.23
N ARG D 214 -45.27 -9.79 -43.41
CA ARG D 214 -44.38 -10.94 -43.67
C ARG D 214 -44.14 -11.68 -42.36
N GLN D 215 -45.06 -12.59 -42.04
CA GLN D 215 -44.98 -13.39 -40.81
C GLN D 215 -44.13 -14.62 -41.10
N LEU D 216 -42.82 -14.45 -40.99
CA LEU D 216 -41.87 -15.52 -41.25
C LEU D 216 -41.47 -16.17 -39.93
N GLU D 217 -41.39 -17.49 -39.93
CA GLU D 217 -40.98 -18.27 -38.77
C GLU D 217 -39.82 -19.18 -39.15
N MET D 218 -38.70 -19.02 -38.44
CA MET D 218 -37.48 -19.79 -38.70
C MET D 218 -37.12 -20.54 -37.42
N ARG D 219 -37.51 -21.81 -37.36
CA ARG D 219 -37.22 -22.66 -36.20
C ARG D 219 -35.91 -23.41 -36.46
N ASP D 220 -34.85 -22.98 -35.76
CA ASP D 220 -33.49 -23.56 -35.84
C ASP D 220 -32.95 -23.52 -37.27
N GLY D 221 -33.21 -22.42 -37.98
CA GLY D 221 -32.77 -22.24 -39.34
C GLY D 221 -33.78 -22.67 -40.39
N ARG D 222 -34.58 -23.70 -40.11
CA ARG D 222 -35.57 -24.17 -41.06
C ARG D 222 -36.76 -23.21 -41.11
N LEU D 223 -37.11 -22.77 -42.31
CA LEU D 223 -38.21 -21.84 -42.50
C LEU D 223 -39.54 -22.57 -42.33
N THR D 224 -40.29 -22.21 -41.30
CA THR D 224 -41.59 -22.81 -40.99
C THR D 224 -42.70 -21.78 -41.13
N ALA D 225 -42.63 -20.96 -42.17
CA ALA D 225 -43.63 -19.93 -42.41
C ALA D 225 -44.90 -20.53 -43.01
N CYS E 1 24.17 5.80 12.62
CA CYS E 1 23.50 5.95 11.31
C CYS E 1 24.16 7.10 10.56
N SER E 2 23.38 8.15 10.29
CA SER E 2 23.88 9.34 9.60
C SER E 2 23.61 10.62 10.38
N SER E 3 23.17 10.50 11.63
CA SER E 3 22.88 11.64 12.49
C SER E 3 23.82 11.55 13.69
N ASN E 4 24.98 12.19 13.58
CA ASN E 4 26.00 12.15 14.60
C ASN E 4 26.35 13.56 15.06
N ALA E 5 26.47 13.73 16.37
CA ALA E 5 26.87 15.00 16.97
C ALA E 5 28.29 14.99 17.53
N LYS E 6 28.64 13.92 18.24
CA LYS E 6 29.98 13.67 18.80
C LYS E 6 30.43 14.79 19.73
N ILE E 7 29.68 14.95 20.82
CA ILE E 7 29.99 15.92 21.86
C ILE E 7 30.27 15.15 23.16
N ASP E 8 31.33 15.55 23.86
CA ASP E 8 31.75 14.90 25.09
C ASP E 8 31.37 15.75 26.29
N GLN E 9 31.24 15.09 27.44
CA GLN E 9 30.91 15.74 28.70
C GLN E 9 32.03 15.52 29.70
N LEU E 10 32.22 16.51 30.57
CA LEU E 10 33.26 16.42 31.60
C LEU E 10 32.65 16.35 32.99
#